data_8GTH
#
_entry.id   8GTH
#
_cell.length_a   71.630
_cell.length_b   71.630
_cell.length_c   349.760
_cell.angle_alpha   90.00
_cell.angle_beta   90.00
_cell.angle_gamma   90.00
#
_symmetry.space_group_name_H-M   'P 41 21 2'
#
loop_
_entity.id
_entity.type
_entity.pdbx_description
1 polymer 'Cytochrome c class I'
2 non-polymer 'HEME C'
#
_entity_poly.entity_id   1
_entity_poly.type   'polypeptide(L)'
_entity_poly.pdbx_seq_one_letter_code
;MSANGDPAKGQLYFENEGGCLACHSTGTDKLVGPGLAGVMTTAGPVYPEGVNYRGNLPNGQPRTEENIAAWIRSGGQGQI
GVMSPHEMSDEDMANLLAYLHTLKRPLEHHHHHH
;
_entity_poly.pdbx_strand_id   A,B,C,E,F,D
#
loop_
_chem_comp.id
_chem_comp.type
_chem_comp.name
_chem_comp.formula
HEC non-polymer 'HEME C' 'C34 H34 Fe N4 O4'
#
# COMPACT_ATOMS: atom_id res chain seq x y z
N ALA A 3 -3.44 14.00 20.73
CA ALA A 3 -2.91 14.25 22.06
C ALA A 3 -1.43 14.60 22.00
N ASN A 4 -0.58 13.65 22.38
CA ASN A 4 0.88 13.84 22.33
C ASN A 4 1.46 13.40 21.00
N GLY A 5 0.91 13.94 19.92
CA GLY A 5 1.31 13.57 18.57
C GLY A 5 2.12 14.67 17.90
N ASP A 6 3.03 14.25 17.02
CA ASP A 6 3.86 15.18 16.27
C ASP A 6 3.47 15.12 14.80
N PRO A 7 2.87 16.17 14.23
CA PRO A 7 2.45 16.09 12.82
C PRO A 7 3.60 16.00 11.84
N ALA A 8 4.81 16.42 12.21
CA ALA A 8 5.96 16.25 11.32
C ALA A 8 6.38 14.79 11.24
N LYS A 9 6.58 14.15 12.40
CA LYS A 9 6.80 12.71 12.42
C LYS A 9 5.61 11.96 11.84
N GLY A 10 4.40 12.47 12.05
CA GLY A 10 3.23 11.86 11.44
C GLY A 10 3.28 11.90 9.93
N GLN A 11 3.71 13.03 9.35
CA GLN A 11 3.84 13.13 7.90
C GLN A 11 4.96 12.22 7.39
N LEU A 12 6.06 12.13 8.13
CA LEU A 12 7.14 11.24 7.73
C LEU A 12 6.70 9.79 7.74
N TYR A 13 5.89 9.40 8.75
CA TYR A 13 5.33 8.05 8.76
C TYR A 13 4.30 7.86 7.65
N PHE A 14 3.56 8.92 7.32
CA PHE A 14 2.57 8.85 6.26
C PHE A 14 3.23 8.62 4.90
N GLU A 15 4.39 9.24 4.67
CA GLU A 15 5.03 9.19 3.37
C GLU A 15 5.96 7.99 3.20
N ASN A 16 6.59 7.53 4.28
CA ASN A 16 7.60 6.48 4.17
C ASN A 16 7.23 5.22 4.92
N GLU A 17 7.40 5.24 6.25
CA GLU A 17 7.26 4.02 7.05
C GLU A 17 5.84 3.46 7.08
N GLY A 18 4.85 4.20 6.59
CA GLY A 18 3.48 3.73 6.58
C GLY A 18 2.96 3.49 5.19
N GLY A 19 3.51 4.21 4.21
CA GLY A 19 3.07 4.06 2.84
C GLY A 19 1.65 4.49 2.56
N CYS A 20 1.12 5.40 3.37
CA CYS A 20 -0.28 5.81 3.22
C CYS A 20 -0.48 6.71 2.00
N LEU A 21 0.52 7.52 1.67
CA LEU A 21 0.36 8.46 0.56
C LEU A 21 0.22 7.74 -0.77
N ALA A 22 0.84 6.57 -0.91
CA ALA A 22 0.76 5.82 -2.16
C ALA A 22 -0.63 5.27 -2.44
N CYS A 23 -1.52 5.23 -1.45
CA CYS A 23 -2.91 4.88 -1.65
C CYS A 23 -3.87 6.01 -1.35
N HIS A 24 -3.51 6.94 -0.46
CA HIS A 24 -4.41 7.99 -0.01
C HIS A 24 -3.85 9.37 -0.38
N SER A 25 -4.74 10.26 -0.80
CA SER A 25 -4.38 11.64 -1.05
C SER A 25 -4.53 12.47 0.22
N THR A 26 -3.69 13.50 0.35
CA THR A 26 -3.80 14.40 1.48
C THR A 26 -5.00 15.33 1.36
N GLY A 27 -5.54 15.49 0.17
CA GLY A 27 -6.70 16.33 -0.08
C GLY A 27 -7.96 15.52 -0.27
N THR A 28 -8.81 15.97 -1.20
CA THR A 28 -10.09 15.33 -1.46
C THR A 28 -10.06 14.44 -2.70
N ASP A 29 -8.93 14.31 -3.37
CA ASP A 29 -8.82 13.41 -4.50
C ASP A 29 -8.74 11.97 -4.02
N LYS A 30 -8.95 11.04 -4.96
CA LYS A 30 -8.98 9.61 -4.67
C LYS A 30 -7.95 8.90 -5.53
N LEU A 31 -6.93 8.32 -4.89
CA LEU A 31 -5.96 7.49 -5.57
C LEU A 31 -6.45 6.05 -5.58
N VAL A 32 -6.23 5.33 -4.47
CA VAL A 32 -6.78 4.01 -4.27
C VAL A 32 -7.94 4.04 -3.27
N GLY A 33 -7.78 4.78 -2.18
CA GLY A 33 -8.85 4.99 -1.23
C GLY A 33 -9.30 6.44 -1.23
N PRO A 34 -10.27 6.76 -0.37
CA PRO A 34 -10.76 8.15 -0.33
C PRO A 34 -9.72 9.09 0.24
N GLY A 35 -9.80 10.35 -0.19
CA GLY A 35 -8.88 11.35 0.31
C GLY A 35 -9.13 11.63 1.77
N LEU A 36 -8.07 11.58 2.57
CA LEU A 36 -8.18 11.68 4.02
C LEU A 36 -8.40 13.11 4.52
N ALA A 37 -8.77 14.05 3.64
CA ALA A 37 -9.05 15.40 4.07
C ALA A 37 -10.32 15.41 4.93
N GLY A 38 -10.19 15.89 6.16
CA GLY A 38 -11.31 15.91 7.08
C GLY A 38 -11.71 14.54 7.59
N VAL A 39 -10.80 13.57 7.57
CA VAL A 39 -11.13 12.23 8.05
C VAL A 39 -11.21 12.18 9.58
N MET A 40 -10.60 13.14 10.27
CA MET A 40 -10.62 13.16 11.73
C MET A 40 -11.72 14.05 12.29
N THR A 41 -12.58 14.61 11.44
CA THR A 41 -13.70 15.42 11.88
C THR A 41 -14.98 14.60 11.86
N THR A 42 -16.04 15.15 12.46
CA THR A 42 -17.33 14.47 12.50
C THR A 42 -18.01 14.41 11.14
N ALA A 43 -17.52 15.16 10.15
CA ALA A 43 -18.11 15.13 8.82
C ALA A 43 -17.51 14.05 7.93
N GLY A 44 -16.35 13.50 8.29
CA GLY A 44 -15.73 12.45 7.52
C GLY A 44 -15.08 12.97 6.24
N PRO A 45 -14.48 12.07 5.47
CA PRO A 45 -13.83 12.48 4.23
C PRO A 45 -14.79 12.52 3.05
N VAL A 46 -14.26 12.77 1.86
CA VAL A 46 -15.08 12.81 0.64
C VAL A 46 -15.08 11.43 0.01
N TYR A 47 -16.27 10.83 -0.10
CA TYR A 47 -16.46 9.56 -0.77
C TYR A 47 -16.88 9.78 -2.20
N PRO A 48 -16.59 8.84 -3.10
CA PRO A 48 -17.12 8.93 -4.46
C PRO A 48 -18.64 8.76 -4.45
N GLU A 49 -19.26 9.18 -5.56
CA GLU A 49 -20.71 9.12 -5.65
C GLU A 49 -21.19 7.68 -5.66
N GLY A 50 -22.18 7.38 -4.82
CA GLY A 50 -22.73 6.05 -4.68
C GLY A 50 -22.27 5.32 -3.42
N VAL A 51 -21.10 5.66 -2.90
CA VAL A 51 -20.57 5.04 -1.70
C VAL A 51 -21.07 5.81 -0.48
N ASN A 52 -21.58 5.08 0.51
CA ASN A 52 -22.13 5.70 1.71
C ASN A 52 -22.11 4.68 2.83
N TYR A 53 -21.36 4.97 3.90
CA TYR A 53 -21.31 4.13 5.08
C TYR A 53 -22.18 4.66 6.22
N ARG A 54 -23.05 5.63 5.94
CA ARG A 54 -23.97 6.21 6.92
C ARG A 54 -23.21 6.84 8.09
N GLY A 55 -22.30 7.75 7.74
CA GLY A 55 -21.57 8.52 8.73
C GLY A 55 -20.69 7.70 9.66
N ASN A 56 -20.30 6.51 9.26
CA ASN A 56 -19.48 5.63 10.08
C ASN A 56 -18.32 5.09 9.26
N LEU A 57 -17.42 4.38 9.95
CA LEU A 57 -16.29 3.75 9.30
C LEU A 57 -16.76 2.60 8.42
N PRO A 58 -15.94 2.20 7.44
CA PRO A 58 -16.35 1.09 6.54
C PRO A 58 -16.60 -0.23 7.27
N ASN A 59 -16.09 -0.41 8.48
CA ASN A 59 -16.34 -1.64 9.23
C ASN A 59 -17.61 -1.60 10.07
N GLY A 60 -18.24 -0.44 10.20
CA GLY A 60 -19.47 -0.28 10.95
C GLY A 60 -19.32 0.54 12.21
N GLN A 61 -18.10 0.73 12.70
CA GLN A 61 -17.88 1.49 13.92
C GLN A 61 -18.01 2.99 13.66
N PRO A 62 -18.43 3.76 14.66
CA PRO A 62 -18.56 5.22 14.48
C PRO A 62 -17.21 5.89 14.32
N ARG A 63 -17.27 7.18 13.99
CA ARG A 63 -16.06 7.96 13.69
C ARG A 63 -15.54 8.57 14.98
N THR A 64 -14.64 7.86 15.64
CA THR A 64 -13.92 8.35 16.81
C THR A 64 -12.44 8.03 16.66
N GLU A 65 -11.63 8.64 17.52
CA GLU A 65 -10.18 8.43 17.43
C GLU A 65 -9.83 6.97 17.69
N GLU A 66 -10.46 6.36 18.70
CA GLU A 66 -10.18 4.96 19.02
C GLU A 66 -10.56 4.05 17.86
N ASN A 67 -11.76 4.21 17.31
CA ASN A 67 -12.22 3.34 16.25
C ASN A 67 -11.45 3.58 14.96
N ILE A 68 -11.07 4.83 14.68
CA ILE A 68 -10.27 5.10 13.50
C ILE A 68 -8.89 4.47 13.62
N ALA A 69 -8.27 4.58 14.81
CA ALA A 69 -6.98 3.93 15.03
C ALA A 69 -7.09 2.42 14.90
N ALA A 70 -8.17 1.84 15.42
CA ALA A 70 -8.36 0.40 15.32
C ALA A 70 -8.57 -0.03 13.87
N TRP A 71 -9.27 0.79 13.09
CA TRP A 71 -9.44 0.50 11.66
C TRP A 71 -8.10 0.58 10.93
N ILE A 72 -7.29 1.59 11.23
CA ILE A 72 -5.99 1.73 10.58
C ILE A 72 -5.11 0.53 10.91
N ARG A 73 -5.11 0.10 12.17
CA ARG A 73 -4.26 -1.03 12.56
C ARG A 73 -4.81 -2.35 12.04
N SER A 74 -6.12 -2.46 11.84
CA SER A 74 -6.73 -3.72 11.43
C SER A 74 -6.98 -3.80 9.92
N GLY A 75 -7.34 -2.69 9.30
CA GLY A 75 -7.68 -2.70 7.88
C GLY A 75 -9.01 -3.38 7.64
N GLY A 76 -9.39 -3.43 6.36
CA GLY A 76 -10.63 -4.06 5.98
C GLY A 76 -10.96 -3.75 4.54
N GLN A 77 -12.13 -4.22 4.12
CA GLN A 77 -12.62 -4.04 2.77
C GLN A 77 -14.00 -3.42 2.81
N GLY A 78 -14.19 -2.36 2.00
CA GLY A 78 -15.48 -1.73 1.89
C GLY A 78 -15.98 -1.68 0.46
N GLN A 79 -16.85 -0.73 0.15
CA GLN A 79 -17.38 -0.62 -1.20
C GLN A 79 -16.35 -0.07 -2.18
N ILE A 80 -15.33 0.63 -1.69
CA ILE A 80 -14.37 1.30 -2.56
C ILE A 80 -13.23 0.35 -2.92
N GLY A 81 -12.42 -0.02 -1.95
CA GLY A 81 -11.26 -0.86 -2.17
C GLY A 81 -10.92 -1.69 -0.96
N VAL A 82 -9.63 -1.96 -0.79
CA VAL A 82 -9.13 -2.83 0.27
C VAL A 82 -8.01 -2.12 1.02
N MET A 83 -8.11 -2.10 2.35
CA MET A 83 -7.06 -1.60 3.21
C MET A 83 -6.12 -2.74 3.61
N SER A 84 -4.90 -2.37 3.98
CA SER A 84 -3.93 -3.33 4.48
C SER A 84 -3.69 -3.11 5.97
N PRO A 85 -3.49 -4.17 6.75
CA PRO A 85 -3.24 -3.99 8.19
C PRO A 85 -1.91 -3.30 8.42
N HIS A 86 -1.95 -2.20 9.16
CA HIS A 86 -0.77 -1.40 9.47
C HIS A 86 -0.60 -1.36 10.98
N GLU A 87 0.01 -2.40 11.54
CA GLU A 87 0.33 -2.40 12.95
C GLU A 87 1.46 -1.42 13.24
N MET A 88 1.30 -0.65 14.32
CA MET A 88 2.26 0.38 14.66
C MET A 88 2.23 0.64 16.16
N SER A 89 3.28 1.26 16.66
CA SER A 89 3.35 1.60 18.07
C SER A 89 2.35 2.72 18.39
N ASP A 90 2.24 3.03 19.68
CA ASP A 90 1.25 4.00 20.12
C ASP A 90 1.70 5.43 19.84
N GLU A 91 3.00 5.72 19.99
CA GLU A 91 3.48 7.06 19.69
C GLU A 91 3.43 7.34 18.19
N ASP A 92 3.78 6.35 17.37
CA ASP A 92 3.64 6.50 15.92
C ASP A 92 2.18 6.72 15.53
N MET A 93 1.27 6.00 16.18
CA MET A 93 -0.14 6.19 15.91
C MET A 93 -0.61 7.58 16.31
N ALA A 94 -0.09 8.09 17.44
CA ALA A 94 -0.46 9.44 17.87
C ALA A 94 0.03 10.49 16.88
N ASN A 95 1.28 10.35 16.42
CA ASN A 95 1.81 11.29 15.42
C ASN A 95 1.02 11.20 14.12
N LEU A 96 0.66 9.99 13.71
CA LEU A 96 -0.11 9.80 12.48
C LEU A 96 -1.49 10.43 12.59
N LEU A 97 -2.16 10.26 13.74
CA LEU A 97 -3.46 10.89 13.94
C LEU A 97 -3.34 12.40 13.99
N ALA A 98 -2.24 12.93 14.54
CA ALA A 98 -2.03 14.36 14.51
C ALA A 98 -1.91 14.87 13.08
N TYR A 99 -1.10 14.20 12.26
CA TYR A 99 -0.95 14.64 10.88
C TYR A 99 -2.27 14.51 10.12
N LEU A 100 -3.05 13.47 10.41
CA LEU A 100 -4.37 13.36 9.80
C LEU A 100 -5.29 14.50 10.24
N HIS A 101 -5.13 14.96 11.47
CA HIS A 101 -5.86 16.15 11.91
C HIS A 101 -5.43 17.38 11.13
N THR A 102 -4.16 17.46 10.75
CA THR A 102 -3.69 18.62 9.97
C THR A 102 -4.35 18.69 8.59
N LEU A 103 -4.93 17.60 8.11
CA LEU A 103 -5.56 17.57 6.79
C LEU A 103 -6.98 18.11 6.92
N LYS A 104 -7.21 19.30 6.38
CA LYS A 104 -8.49 19.99 6.49
C LYS A 104 -9.32 19.78 5.23
N ARG A 105 -10.61 19.49 5.42
CA ARG A 105 -11.53 19.34 4.30
C ARG A 105 -12.29 20.64 4.10
N PRO A 106 -12.20 21.27 2.91
CA PRO A 106 -12.84 22.56 2.62
C PRO A 106 -14.36 22.50 2.58
N ASP B 6 11.59 -20.00 4.51
CA ASP B 6 11.56 -18.69 3.88
C ASP B 6 10.23 -18.36 3.19
N PRO B 7 9.72 -19.24 2.30
CA PRO B 7 8.51 -18.86 1.54
C PRO B 7 7.28 -18.64 2.40
N ALA B 8 7.12 -19.39 3.49
CA ALA B 8 5.96 -19.19 4.36
C ALA B 8 6.07 -17.88 5.12
N LYS B 9 7.26 -17.58 5.66
CA LYS B 9 7.48 -16.28 6.29
C LYS B 9 7.31 -15.16 5.27
N GLY B 10 7.77 -15.38 4.04
CA GLY B 10 7.58 -14.39 3.00
C GLY B 10 6.12 -14.14 2.68
N GLN B 11 5.31 -15.20 2.69
CA GLN B 11 3.89 -15.04 2.45
C GLN B 11 3.21 -14.30 3.60
N LEU B 12 3.59 -14.63 4.83
CA LEU B 12 3.03 -13.92 5.99
C LEU B 12 3.39 -12.44 5.95
N TYR B 13 4.60 -12.12 5.49
CA TYR B 13 4.99 -10.72 5.32
C TYR B 13 4.24 -10.08 4.15
N PHE B 14 3.96 -10.85 3.11
CA PHE B 14 3.25 -10.34 1.95
C PHE B 14 1.82 -9.97 2.29
N GLU B 15 1.17 -10.78 3.12
CA GLU B 15 -0.25 -10.60 3.42
C GLU B 15 -0.51 -9.61 4.55
N ASN B 16 0.51 -9.22 5.32
CA ASN B 16 0.26 -8.39 6.50
C ASN B 16 1.26 -7.25 6.65
N GLU B 17 2.45 -7.53 7.19
CA GLU B 17 3.41 -6.48 7.49
C GLU B 17 3.78 -5.65 6.27
N GLY B 18 3.57 -6.17 5.08
CA GLY B 18 3.66 -5.38 3.86
C GLY B 18 2.29 -5.30 3.21
N GLY B 19 1.96 -4.12 2.69
CA GLY B 19 0.66 -3.89 2.07
C GLY B 19 0.56 -4.48 0.68
N CYS B 20 1.27 -5.59 0.45
CA CYS B 20 1.44 -6.12 -0.90
C CYS B 20 0.13 -6.64 -1.48
N LEU B 21 -0.61 -7.42 -0.69
CA LEU B 21 -1.84 -8.01 -1.22
C LEU B 21 -2.88 -6.96 -1.57
N ALA B 22 -2.95 -5.87 -0.80
CA ALA B 22 -3.94 -4.84 -1.07
C ALA B 22 -3.60 -4.02 -2.32
N CYS B 23 -2.41 -4.22 -2.89
CA CYS B 23 -2.00 -3.59 -4.14
C CYS B 23 -1.75 -4.59 -5.25
N HIS B 24 -1.11 -5.71 -4.95
CA HIS B 24 -0.77 -6.74 -5.93
C HIS B 24 -1.54 -8.02 -5.64
N SER B 25 -1.87 -8.76 -6.69
CA SER B 25 -2.43 -10.09 -6.58
C SER B 25 -1.33 -11.13 -6.72
N THR B 26 -1.62 -12.35 -6.29
CA THR B 26 -0.66 -13.44 -6.40
C THR B 26 -0.61 -14.05 -7.80
N GLY B 27 -1.59 -13.74 -8.65
CA GLY B 27 -1.61 -14.26 -10.00
C GLY B 27 -1.27 -13.21 -11.04
N THR B 28 -2.02 -13.18 -12.14
CA THR B 28 -1.78 -12.24 -13.22
C THR B 28 -2.74 -11.06 -13.20
N ASP B 29 -3.67 -11.00 -12.25
CA ASP B 29 -4.63 -9.91 -12.17
C ASP B 29 -3.92 -8.61 -11.79
N LYS B 30 -4.52 -7.49 -12.17
CA LYS B 30 -3.95 -6.17 -11.83
C LYS B 30 -4.89 -5.39 -10.99
N LEU B 31 -4.56 -5.18 -9.73
CA LEU B 31 -5.37 -4.37 -8.88
C LEU B 31 -4.96 -2.92 -8.73
N VAL B 32 -3.75 -2.68 -8.22
CA VAL B 32 -3.24 -1.32 -8.13
C VAL B 32 -2.00 -1.51 -8.94
N GLY B 33 -1.18 -2.50 -8.61
CA GLY B 33 -0.03 -2.81 -9.41
C GLY B 33 -0.24 -4.10 -10.18
N PRO B 34 0.73 -4.45 -11.02
CA PRO B 34 0.59 -5.68 -11.82
C PRO B 34 0.68 -6.92 -10.96
N GLY B 35 0.12 -8.01 -11.48
CA GLY B 35 0.18 -9.27 -10.77
C GLY B 35 1.60 -9.81 -10.72
N LEU B 36 2.05 -10.17 -9.52
CA LEU B 36 3.44 -10.54 -9.29
C LEU B 36 3.74 -11.99 -9.68
N ALA B 37 2.91 -12.62 -10.51
CA ALA B 37 3.20 -13.96 -10.99
C ALA B 37 4.26 -13.90 -12.07
N GLY B 38 5.38 -14.58 -11.85
CA GLY B 38 6.49 -14.53 -12.79
C GLY B 38 7.35 -13.30 -12.71
N VAL B 39 7.25 -12.54 -11.61
CA VAL B 39 8.05 -11.34 -11.46
C VAL B 39 9.52 -11.66 -11.24
N MET B 40 9.83 -12.90 -10.83
CA MET B 40 11.20 -13.33 -10.59
C MET B 40 11.80 -14.05 -11.79
N THR B 41 11.08 -14.13 -12.91
CA THR B 41 11.55 -14.78 -14.12
C THR B 41 11.89 -13.72 -15.16
N THR B 42 12.66 -14.14 -16.16
CA THR B 42 13.09 -13.23 -17.22
C THR B 42 11.92 -12.77 -18.09
N ALA B 43 10.80 -13.49 -18.07
CA ALA B 43 9.62 -13.06 -18.82
C ALA B 43 8.88 -11.92 -18.15
N GLY B 44 9.09 -11.71 -16.85
CA GLY B 44 8.46 -10.64 -16.12
C GLY B 44 6.99 -10.90 -15.85
N PRO B 45 6.36 -10.00 -15.08
CA PRO B 45 4.93 -10.17 -14.77
C PRO B 45 4.04 -9.83 -15.96
N VAL B 46 2.73 -9.91 -15.77
CA VAL B 46 1.77 -9.58 -16.81
C VAL B 46 1.43 -8.09 -16.71
N TYR B 47 1.79 -7.33 -17.74
CA TYR B 47 1.61 -5.89 -17.83
C TYR B 47 0.33 -5.54 -18.58
N PRO B 48 -0.31 -4.43 -18.25
CA PRO B 48 -1.52 -4.02 -18.97
C PRO B 48 -1.21 -3.48 -20.36
N GLU B 49 -2.25 -2.97 -21.04
CA GLU B 49 -2.09 -2.50 -22.41
C GLU B 49 -1.35 -1.16 -22.43
N GLY B 50 -0.42 -1.04 -23.38
CA GLY B 50 0.30 0.20 -23.59
C GLY B 50 1.51 0.41 -22.73
N VAL B 51 1.74 -0.44 -21.72
CA VAL B 51 2.86 -0.29 -20.79
C VAL B 51 4.00 -1.18 -21.29
N ASN B 52 5.21 -0.63 -21.29
CA ASN B 52 6.38 -1.37 -21.75
C ASN B 52 7.62 -0.74 -21.13
N TYR B 53 8.27 -1.48 -20.23
CA TYR B 53 9.49 -1.03 -19.57
C TYR B 53 10.74 -1.60 -20.20
N ARG B 54 10.65 -2.13 -21.42
CA ARG B 54 11.80 -2.64 -22.17
C ARG B 54 12.47 -3.79 -21.42
N GLY B 55 11.66 -4.69 -20.88
CA GLY B 55 12.19 -5.87 -20.21
C GLY B 55 12.95 -5.59 -18.94
N ASN B 56 12.77 -4.42 -18.34
CA ASN B 56 13.47 -4.04 -17.11
C ASN B 56 12.45 -3.57 -16.07
N LEU B 57 12.96 -3.25 -14.89
CA LEU B 57 12.11 -2.72 -13.83
C LEU B 57 11.65 -1.31 -14.17
N PRO B 58 10.56 -0.84 -13.56
CA PRO B 58 10.07 0.51 -13.87
C PRO B 58 11.08 1.61 -13.58
N ASN B 59 12.01 1.40 -12.64
CA ASN B 59 13.00 2.42 -12.34
C ASN B 59 14.17 2.42 -13.31
N GLY B 60 14.24 1.45 -14.23
CA GLY B 60 15.25 1.41 -15.27
C GLY B 60 16.25 0.28 -15.13
N GLN B 61 16.56 -0.11 -13.90
CA GLN B 61 17.57 -1.14 -13.68
C GLN B 61 17.12 -2.49 -14.25
N PRO B 62 18.07 -3.36 -14.63
CA PRO B 62 17.71 -4.67 -15.18
C PRO B 62 16.99 -5.57 -14.18
N ARG B 63 16.56 -6.75 -14.63
CA ARG B 63 15.76 -7.64 -13.78
C ARG B 63 16.68 -8.66 -13.11
N THR B 64 17.29 -8.22 -12.01
CA THR B 64 18.06 -9.08 -11.12
C THR B 64 17.45 -9.04 -9.73
N GLU B 65 17.94 -9.91 -8.84
CA GLU B 65 17.46 -9.88 -7.46
C GLU B 65 17.95 -8.64 -6.72
N GLU B 66 19.18 -8.19 -7.03
CA GLU B 66 19.67 -6.95 -6.46
C GLU B 66 18.74 -5.80 -6.78
N ASN B 67 18.43 -5.61 -8.06
CA ASN B 67 17.59 -4.48 -8.47
C ASN B 67 16.15 -4.66 -8.05
N ILE B 68 15.65 -5.89 -8.01
CA ILE B 68 14.29 -6.13 -7.54
C ILE B 68 14.17 -5.75 -6.07
N ALA B 69 15.14 -6.17 -5.25
CA ALA B 69 15.14 -5.80 -3.84
C ALA B 69 15.29 -4.29 -3.67
N ALA B 70 16.13 -3.66 -4.50
CA ALA B 70 16.29 -2.21 -4.42
C ALA B 70 15.00 -1.49 -4.77
N TRP B 71 14.26 -2.00 -5.77
CA TRP B 71 12.99 -1.39 -6.14
C TRP B 71 11.94 -1.58 -5.06
N ILE B 72 11.94 -2.76 -4.41
CA ILE B 72 11.00 -2.99 -3.31
C ILE B 72 11.30 -2.06 -2.15
N ARG B 73 12.59 -1.86 -1.84
CA ARG B 73 12.96 -1.03 -0.70
C ARG B 73 12.76 0.45 -1.00
N SER B 74 12.93 0.88 -2.25
CA SER B 74 12.87 2.29 -2.58
C SER B 74 11.51 2.73 -3.08
N GLY B 75 10.76 1.83 -3.69
CA GLY B 75 9.52 2.20 -4.34
C GLY B 75 9.77 3.11 -5.54
N GLY B 76 8.71 3.79 -5.94
CA GLY B 76 8.80 4.75 -7.02
C GLY B 76 7.49 4.80 -7.78
N GLN B 77 7.55 5.43 -8.95
CA GLN B 77 6.39 5.63 -9.80
C GLN B 77 6.75 5.29 -11.25
N GLY B 78 5.85 4.58 -11.92
CA GLY B 78 6.05 4.24 -13.31
C GLY B 78 4.82 4.50 -14.16
N GLN B 79 4.70 3.79 -15.27
CA GLN B 79 3.58 3.99 -16.19
C GLN B 79 2.27 3.42 -15.66
N ILE B 80 2.32 2.53 -14.69
CA ILE B 80 1.12 1.91 -14.15
C ILE B 80 0.61 2.74 -12.98
N GLY B 81 1.44 2.90 -11.95
CA GLY B 81 1.05 3.66 -10.78
C GLY B 81 2.21 4.03 -9.88
N VAL B 82 1.92 4.22 -8.59
CA VAL B 82 2.91 4.63 -7.60
C VAL B 82 3.02 3.54 -6.56
N MET B 83 4.24 3.27 -6.10
CA MET B 83 4.48 2.31 -5.03
C MET B 83 5.21 2.99 -3.89
N SER B 84 4.84 2.64 -2.67
CA SER B 84 5.43 3.21 -1.48
C SER B 84 6.74 2.52 -1.13
N PRO B 85 7.63 3.19 -0.38
CA PRO B 85 8.87 2.55 0.04
C PRO B 85 8.61 1.51 1.12
N HIS B 86 9.25 0.35 0.97
CA HIS B 86 9.10 -0.77 1.90
C HIS B 86 10.49 -1.21 2.34
N GLU B 87 11.02 -0.59 3.39
CA GLU B 87 12.32 -0.96 3.95
C GLU B 87 12.16 -2.12 4.92
N MET B 88 13.08 -3.08 4.83
CA MET B 88 13.01 -4.27 5.66
C MET B 88 14.41 -4.85 5.82
N SER B 89 14.55 -5.74 6.80
CA SER B 89 15.83 -6.40 7.03
C SER B 89 16.11 -7.42 5.93
N ASP B 90 17.36 -7.90 5.89
CA ASP B 90 17.76 -8.84 4.86
C ASP B 90 17.05 -10.18 5.00
N GLU B 91 16.74 -10.59 6.23
CA GLU B 91 16.02 -11.85 6.43
C GLU B 91 14.60 -11.75 5.88
N ASP B 92 13.91 -10.65 6.18
CA ASP B 92 12.57 -10.46 5.63
C ASP B 92 12.60 -10.39 4.11
N MET B 93 13.63 -9.72 3.55
CA MET B 93 13.74 -9.62 2.09
C MET B 93 13.99 -10.98 1.47
N ALA B 94 14.84 -11.80 2.10
CA ALA B 94 15.10 -13.14 1.58
C ALA B 94 13.84 -13.99 1.60
N ASN B 95 13.10 -13.95 2.72
CA ASN B 95 11.85 -14.70 2.79
C ASN B 95 10.85 -14.20 1.74
N LEU B 96 10.78 -12.88 1.55
CA LEU B 96 9.83 -12.30 0.61
C LEU B 96 10.17 -12.70 -0.82
N LEU B 97 11.45 -12.70 -1.19
CA LEU B 97 11.83 -13.11 -2.53
C LEU B 97 11.62 -14.62 -2.73
N ALA B 98 11.88 -15.41 -1.69
CA ALA B 98 11.60 -16.84 -1.79
C ALA B 98 10.12 -17.09 -2.01
N TYR B 99 9.25 -16.31 -1.37
CA TYR B 99 7.82 -16.45 -1.60
C TYR B 99 7.43 -15.96 -2.99
N LEU B 100 8.02 -14.85 -3.44
CA LEU B 100 7.71 -14.32 -4.77
C LEU B 100 8.10 -15.31 -5.85
N HIS B 101 9.12 -16.13 -5.61
CA HIS B 101 9.49 -17.15 -6.59
C HIS B 101 8.38 -18.19 -6.77
N THR B 102 7.60 -18.45 -5.72
CA THR B 102 6.56 -19.48 -5.80
C THR B 102 5.38 -19.06 -6.67
N LEU B 103 5.27 -17.79 -7.02
CA LEU B 103 4.18 -17.32 -7.87
C LEU B 103 4.51 -17.63 -9.32
N LYS B 104 3.83 -18.62 -9.89
CA LYS B 104 4.10 -19.07 -11.24
C LYS B 104 3.12 -18.41 -12.21
N ARG B 105 3.66 -17.91 -13.33
CA ARG B 105 2.84 -17.32 -14.38
C ARG B 105 2.69 -18.31 -15.50
N PRO B 106 1.46 -18.69 -15.90
CA PRO B 106 1.22 -19.67 -16.95
C PRO B 106 1.60 -19.17 -18.34
N ASN C 4 -32.83 -31.06 -13.54
CA ASN C 4 -31.46 -30.55 -13.46
C ASN C 4 -31.09 -30.23 -12.00
N GLY C 5 -31.63 -31.00 -11.08
CA GLY C 5 -31.34 -30.79 -9.68
C GLY C 5 -32.28 -31.58 -8.80
N ASP C 6 -32.19 -31.32 -7.50
CA ASP C 6 -33.01 -31.97 -6.49
C ASP C 6 -33.02 -31.12 -5.22
N PRO C 7 -34.04 -30.27 -5.04
CA PRO C 7 -34.05 -29.38 -3.86
C PRO C 7 -34.18 -30.12 -2.54
N ALA C 8 -34.65 -31.37 -2.54
CA ALA C 8 -34.74 -32.12 -1.29
C ALA C 8 -33.35 -32.52 -0.80
N LYS C 9 -32.57 -33.20 -1.65
CA LYS C 9 -31.19 -33.48 -1.30
C LYS C 9 -30.38 -32.20 -1.16
N GLY C 10 -30.76 -31.14 -1.89
CA GLY C 10 -30.11 -29.85 -1.69
C GLY C 10 -30.33 -29.30 -0.31
N GLN C 11 -31.56 -29.41 0.21
CA GLN C 11 -31.84 -28.96 1.57
C GLN C 11 -31.17 -29.88 2.60
N LEU C 12 -31.07 -31.17 2.30
CA LEU C 12 -30.34 -32.08 3.20
C LEU C 12 -28.87 -31.72 3.26
N TYR C 13 -28.28 -31.32 2.13
CA TYR C 13 -26.89 -30.89 2.11
C TYR C 13 -26.72 -29.55 2.83
N PHE C 14 -27.67 -28.63 2.62
CA PHE C 14 -27.61 -27.33 3.27
C PHE C 14 -27.73 -27.47 4.79
N GLU C 15 -28.59 -28.38 5.26
CA GLU C 15 -28.83 -28.53 6.68
C GLU C 15 -27.74 -29.33 7.37
N ASN C 16 -27.10 -30.27 6.67
CA ASN C 16 -26.18 -31.20 7.33
C ASN C 16 -24.83 -31.27 6.65
N GLU C 17 -24.79 -31.87 5.45
CA GLU C 17 -23.52 -32.20 4.82
C GLU C 17 -22.73 -30.98 4.36
N GLY C 18 -23.38 -29.81 4.29
CA GLY C 18 -22.69 -28.61 3.84
C GLY C 18 -22.40 -27.63 4.97
N GLY C 19 -23.10 -27.78 6.09
CA GLY C 19 -22.91 -26.89 7.22
C GLY C 19 -23.24 -25.44 6.92
N CYS C 20 -24.12 -25.19 5.95
CA CYS C 20 -24.41 -23.81 5.56
C CYS C 20 -25.25 -23.09 6.61
N LEU C 21 -26.02 -23.84 7.41
CA LEU C 21 -26.85 -23.22 8.45
C LEU C 21 -26.03 -22.64 9.58
N ALA C 22 -24.74 -22.97 9.68
CA ALA C 22 -23.92 -22.41 10.74
C ALA C 22 -23.63 -20.94 10.51
N CYS C 23 -23.53 -20.51 9.25
CA CYS C 23 -23.22 -19.13 8.90
C CYS C 23 -24.35 -18.41 8.18
N HIS C 24 -25.20 -19.12 7.46
CA HIS C 24 -26.22 -18.52 6.62
C HIS C 24 -27.61 -18.88 7.11
N SER C 25 -28.54 -17.94 6.97
CA SER C 25 -29.96 -18.19 7.19
C SER C 25 -30.64 -18.43 5.84
N THR C 26 -31.80 -19.09 5.90
CA THR C 26 -32.58 -19.34 4.70
C THR C 26 -33.49 -18.17 4.33
N GLY C 27 -33.64 -17.19 5.21
CA GLY C 27 -34.41 -16.00 4.95
C GLY C 27 -33.54 -14.80 4.62
N THR C 28 -33.97 -13.63 5.06
CA THR C 28 -33.24 -12.39 4.86
C THR C 28 -32.38 -12.02 6.07
N ASP C 29 -32.44 -12.80 7.14
CA ASP C 29 -31.65 -12.53 8.33
C ASP C 29 -30.19 -12.90 8.10
N LYS C 30 -29.30 -12.22 8.81
CA LYS C 30 -27.86 -12.42 8.68
C LYS C 30 -27.31 -13.03 9.96
N LEU C 31 -26.77 -14.24 9.85
CA LEU C 31 -26.07 -14.87 10.97
C LEU C 31 -24.60 -14.48 10.92
N VAL C 32 -23.84 -15.14 10.05
CA VAL C 32 -22.46 -14.76 9.72
C VAL C 32 -22.38 -14.16 8.32
N GLY C 33 -22.95 -14.85 7.33
CA GLY C 33 -23.06 -14.31 6.00
C GLY C 33 -24.44 -13.74 5.74
N PRO C 34 -24.67 -13.24 4.54
CA PRO C 34 -25.97 -12.63 4.23
C PRO C 34 -27.07 -13.69 4.15
N GLY C 35 -28.30 -13.21 4.29
CA GLY C 35 -29.45 -14.07 4.16
C GLY C 35 -29.61 -14.52 2.71
N LEU C 36 -29.58 -15.84 2.48
CA LEU C 36 -29.57 -16.39 1.14
C LEU C 36 -30.93 -16.35 0.45
N ALA C 37 -31.90 -15.60 0.98
CA ALA C 37 -33.18 -15.46 0.31
C ALA C 37 -33.02 -14.61 -0.95
N GLY C 38 -33.31 -15.20 -2.10
CA GLY C 38 -33.13 -14.52 -3.36
C GLY C 38 -31.70 -14.42 -3.82
N VAL C 39 -30.84 -15.35 -3.39
CA VAL C 39 -29.43 -15.29 -3.77
C VAL C 39 -29.19 -15.77 -5.20
N MET C 40 -30.10 -16.54 -5.77
CA MET C 40 -29.97 -17.06 -7.12
C MET C 40 -30.68 -16.19 -8.16
N THR C 41 -31.14 -15.00 -7.78
CA THR C 41 -31.82 -14.10 -8.69
C THR C 41 -30.88 -12.97 -9.10
N THR C 42 -31.29 -12.24 -10.15
CA THR C 42 -30.53 -11.09 -10.59
C THR C 42 -30.63 -9.92 -9.63
N ALA C 43 -31.55 -9.96 -8.67
CA ALA C 43 -31.68 -8.92 -7.65
C ALA C 43 -30.75 -9.12 -6.46
N GLY C 44 -30.18 -10.32 -6.30
CA GLY C 44 -29.24 -10.57 -5.24
C GLY C 44 -29.90 -10.71 -3.89
N PRO C 45 -29.13 -11.13 -2.88
CA PRO C 45 -29.67 -11.29 -1.53
C PRO C 45 -29.75 -9.94 -0.82
N VAL C 46 -30.16 -9.99 0.44
CA VAL C 46 -30.28 -8.80 1.27
C VAL C 46 -28.92 -8.54 1.90
N TYR C 47 -28.30 -7.44 1.54
CA TYR C 47 -27.02 -7.11 2.16
C TYR C 47 -27.24 -6.21 3.37
N PRO C 48 -26.38 -6.32 4.39
CA PRO C 48 -26.54 -5.47 5.58
C PRO C 48 -26.26 -3.99 5.29
N GLU C 49 -26.40 -3.17 6.32
CA GLU C 49 -26.19 -1.73 6.18
C GLU C 49 -24.74 -1.44 5.80
N GLY C 50 -24.56 -0.69 4.72
CA GLY C 50 -23.24 -0.27 4.28
C GLY C 50 -22.56 -1.20 3.29
N VAL C 51 -23.07 -2.41 3.10
CA VAL C 51 -22.47 -3.40 2.21
C VAL C 51 -23.21 -3.37 0.88
N ASN C 52 -22.46 -3.28 -0.22
CA ASN C 52 -23.06 -3.26 -1.55
C ASN C 52 -21.99 -3.65 -2.56
N TYR C 53 -22.19 -4.76 -3.26
CA TYR C 53 -21.29 -5.22 -4.31
C TYR C 53 -21.75 -4.80 -5.70
N ARG C 54 -22.64 -3.79 -5.78
CA ARG C 54 -23.19 -3.32 -7.05
C ARG C 54 -23.86 -4.45 -7.83
N GLY C 55 -24.64 -5.26 -7.12
CA GLY C 55 -25.37 -6.35 -7.75
C GLY C 55 -24.50 -7.47 -8.26
N ASN C 56 -23.35 -7.72 -7.62
CA ASN C 56 -22.42 -8.75 -8.03
C ASN C 56 -22.12 -9.67 -6.85
N LEU C 57 -21.27 -10.66 -7.10
CA LEU C 57 -20.81 -11.57 -6.07
C LEU C 57 -19.68 -10.94 -5.26
N PRO C 58 -19.44 -11.42 -4.03
CA PRO C 58 -18.42 -10.81 -3.19
C PRO C 58 -17.01 -10.82 -3.78
N ASN C 59 -16.77 -11.55 -4.87
CA ASN C 59 -15.48 -11.57 -5.53
C ASN C 59 -15.45 -10.74 -6.80
N GLY C 60 -16.55 -10.07 -7.15
CA GLY C 60 -16.62 -9.22 -8.31
C GLY C 60 -17.34 -9.81 -9.50
N GLN C 61 -17.51 -11.13 -9.54
CA GLN C 61 -18.14 -11.78 -10.68
C GLN C 61 -19.64 -11.51 -10.69
N PRO C 62 -20.26 -11.57 -11.87
CA PRO C 62 -21.71 -11.35 -11.96
C PRO C 62 -22.49 -12.49 -11.31
N ARG C 63 -23.79 -12.26 -11.17
CA ARG C 63 -24.69 -13.21 -10.51
C ARG C 63 -25.19 -14.20 -11.56
N THR C 64 -24.46 -15.30 -11.71
CA THR C 64 -24.86 -16.40 -12.59
C THR C 64 -24.68 -17.71 -11.84
N GLU C 65 -25.35 -18.75 -12.35
CA GLU C 65 -25.25 -20.06 -11.70
C GLU C 65 -23.82 -20.57 -11.69
N GLU C 66 -23.11 -20.40 -12.81
CA GLU C 66 -21.72 -20.85 -12.88
C GLU C 66 -20.85 -20.10 -11.89
N ASN C 67 -20.98 -18.77 -11.85
CA ASN C 67 -20.15 -17.97 -10.96
C ASN C 67 -20.51 -18.20 -9.50
N ILE C 68 -21.80 -18.40 -9.21
CA ILE C 68 -22.21 -18.70 -7.84
C ILE C 68 -21.64 -20.05 -7.39
N ALA C 69 -21.70 -21.06 -8.27
CA ALA C 69 -21.11 -22.34 -7.93
C ALA C 69 -19.60 -22.22 -7.73
N ALA C 70 -18.93 -21.44 -8.58
CA ALA C 70 -17.49 -21.25 -8.43
C ALA C 70 -17.15 -20.56 -7.12
N TRP C 71 -17.95 -19.56 -6.73
CA TRP C 71 -17.71 -18.87 -5.46
C TRP C 71 -17.93 -19.81 -4.28
N ILE C 72 -18.97 -20.65 -4.34
CA ILE C 72 -19.21 -21.61 -3.27
C ILE C 72 -18.06 -22.60 -3.18
N ARG C 73 -17.52 -23.01 -4.33
CA ARG C 73 -16.44 -23.99 -4.33
C ARG C 73 -15.13 -23.38 -3.84
N SER C 74 -14.88 -22.11 -4.16
CA SER C 74 -13.61 -21.46 -3.83
C SER C 74 -13.66 -20.63 -2.55
N GLY C 75 -14.80 -20.02 -2.24
CA GLY C 75 -14.87 -19.13 -1.10
C GLY C 75 -14.08 -17.85 -1.34
N GLY C 76 -13.89 -17.13 -0.24
CA GLY C 76 -13.16 -15.89 -0.32
C GLY C 76 -13.60 -14.89 0.71
N GLN C 77 -13.09 -13.67 0.63
CA GLN C 77 -13.42 -12.63 1.59
C GLN C 77 -13.94 -11.45 0.83
N GLY C 78 -14.76 -10.64 1.47
CA GLY C 78 -15.25 -9.43 0.84
C GLY C 78 -15.53 -8.39 1.88
N GLN C 79 -16.58 -7.62 1.68
CA GLN C 79 -16.87 -6.54 2.60
C GLN C 79 -17.45 -7.03 3.93
N ILE C 80 -17.99 -8.25 3.96
CA ILE C 80 -18.68 -8.76 5.15
C ILE C 80 -17.72 -9.60 5.98
N GLY C 81 -17.34 -10.76 5.48
CA GLY C 81 -16.47 -11.66 6.21
C GLY C 81 -15.76 -12.63 5.30
N VAL C 82 -15.46 -13.81 5.84
CA VAL C 82 -14.71 -14.85 5.14
C VAL C 82 -15.57 -16.10 5.04
N MET C 83 -15.45 -16.79 3.92
CA MET C 83 -16.15 -18.06 3.71
C MET C 83 -15.13 -19.12 3.32
N SER C 84 -15.09 -20.21 4.08
CA SER C 84 -14.16 -21.29 3.79
C SER C 84 -14.56 -21.99 2.48
N PRO C 85 -13.58 -22.51 1.73
CA PRO C 85 -13.91 -23.18 0.46
C PRO C 85 -14.65 -24.48 0.70
N HIS C 86 -15.73 -24.68 -0.05
CA HIS C 86 -16.59 -25.87 0.08
C HIS C 86 -16.70 -26.53 -1.30
N GLU C 87 -15.89 -27.56 -1.53
CA GLU C 87 -15.93 -28.30 -2.78
C GLU C 87 -16.95 -29.43 -2.68
N MET C 88 -17.47 -29.83 -3.84
CA MET C 88 -18.48 -30.87 -3.90
C MET C 88 -18.60 -31.39 -5.33
N SER C 89 -19.17 -32.58 -5.45
CA SER C 89 -19.38 -33.17 -6.77
C SER C 89 -20.45 -32.41 -7.53
N ASP C 90 -20.52 -32.68 -8.84
CA ASP C 90 -21.45 -31.95 -9.70
C ASP C 90 -22.90 -32.23 -9.30
N GLU C 91 -23.18 -33.46 -8.86
CA GLU C 91 -24.53 -33.81 -8.40
C GLU C 91 -24.90 -33.00 -7.16
N ASP C 92 -23.99 -32.97 -6.18
CA ASP C 92 -24.22 -32.19 -4.96
C ASP C 92 -24.41 -30.71 -5.27
N MET C 93 -23.58 -30.17 -6.16
CA MET C 93 -23.68 -28.76 -6.50
C MET C 93 -24.98 -28.45 -7.23
N ALA C 94 -25.43 -29.36 -8.11
CA ALA C 94 -26.69 -29.15 -8.80
C ALA C 94 -27.86 -29.14 -7.82
N ASN C 95 -27.88 -30.11 -6.90
CA ASN C 95 -28.96 -30.14 -5.91
C ASN C 95 -28.91 -28.91 -5.00
N LEU C 96 -27.70 -28.47 -4.64
CA LEU C 96 -27.57 -27.30 -3.78
C LEU C 96 -28.02 -26.03 -4.49
N LEU C 97 -27.71 -25.91 -5.79
CA LEU C 97 -28.17 -24.77 -6.56
C LEU C 97 -29.69 -24.79 -6.71
N ALA C 98 -30.27 -25.99 -6.84
CA ALA C 98 -31.73 -26.09 -6.85
C ALA C 98 -32.33 -25.58 -5.55
N TYR C 99 -31.79 -26.04 -4.42
CA TYR C 99 -32.33 -25.60 -3.13
C TYR C 99 -32.13 -24.10 -2.92
N LEU C 100 -31.00 -23.56 -3.38
CA LEU C 100 -30.78 -22.13 -3.27
C LEU C 100 -31.73 -21.35 -4.17
N HIS C 101 -32.12 -21.93 -5.32
CA HIS C 101 -33.17 -21.35 -6.13
C HIS C 101 -34.50 -21.32 -5.37
N THR C 102 -34.77 -22.38 -4.60
CA THR C 102 -36.03 -22.43 -3.85
C THR C 102 -36.13 -21.32 -2.83
N LEU C 103 -35.00 -20.83 -2.31
CA LEU C 103 -35.02 -19.77 -1.32
C LEU C 103 -35.44 -18.44 -1.94
N LYS C 104 -36.74 -18.16 -1.92
CA LYS C 104 -37.27 -16.94 -2.51
C LYS C 104 -37.31 -15.81 -1.50
N ARG C 105 -37.29 -14.59 -2.02
CA ARG C 105 -37.28 -13.38 -1.21
C ARG C 105 -38.52 -12.56 -1.52
N PRO C 106 -39.38 -12.27 -0.52
CA PRO C 106 -40.66 -11.58 -0.73
C PRO C 106 -40.51 -10.10 -1.06
N SER D 2 21.59 24.36 14.42
CA SER D 2 21.48 22.90 14.34
C SER D 2 20.83 22.33 15.60
N ALA D 3 21.25 22.86 16.76
CA ALA D 3 20.68 22.39 18.02
C ALA D 3 19.23 22.79 18.17
N ASN D 4 18.87 24.00 17.72
CA ASN D 4 17.49 24.46 17.75
C ASN D 4 16.65 23.87 16.62
N GLY D 5 17.25 23.10 15.72
CA GLY D 5 16.52 22.55 14.60
C GLY D 5 15.94 21.19 14.90
N ASP D 6 14.74 20.94 14.37
CA ASP D 6 14.08 19.65 14.49
C ASP D 6 14.32 18.84 13.23
N PRO D 7 14.99 17.69 13.31
CA PRO D 7 15.35 16.97 12.07
C PRO D 7 14.16 16.41 11.31
N ALA D 8 13.00 16.23 11.95
CA ALA D 8 11.83 15.75 11.21
C ALA D 8 11.29 16.84 10.29
N LYS D 9 11.11 18.05 10.81
CA LYS D 9 10.73 19.17 9.97
C LYS D 9 11.82 19.48 8.95
N GLY D 10 13.09 19.24 9.31
CA GLY D 10 14.16 19.40 8.35
C GLY D 10 14.04 18.43 7.20
N GLN D 11 13.71 17.17 7.49
CA GLN D 11 13.50 16.19 6.42
C GLN D 11 12.28 16.55 5.58
N LEU D 12 11.23 17.08 6.22
CA LEU D 12 10.06 17.51 5.47
C LEU D 12 10.41 18.63 4.50
N TYR D 13 11.21 19.60 4.95
CA TYR D 13 11.66 20.66 4.05
C TYR D 13 12.58 20.10 2.97
N PHE D 14 13.42 19.13 3.33
CA PHE D 14 14.36 18.55 2.37
C PHE D 14 13.63 17.82 1.25
N GLU D 15 12.53 17.14 1.56
CA GLU D 15 11.83 16.33 0.58
C GLU D 15 10.71 17.07 -0.13
N ASN D 16 10.24 18.20 0.40
CA ASN D 16 9.11 18.89 -0.21
C ASN D 16 9.44 20.32 -0.58
N GLU D 17 9.32 21.25 0.39
CA GLU D 17 9.46 22.66 0.08
C GLU D 17 10.87 23.04 -0.37
N GLY D 18 11.86 22.20 -0.12
CA GLY D 18 13.22 22.50 -0.54
C GLY D 18 13.57 21.90 -1.89
N GLY D 19 12.94 20.76 -2.22
CA GLY D 19 13.24 20.09 -3.47
C GLY D 19 14.66 19.58 -3.57
N CYS D 20 15.32 19.36 -2.42
CA CYS D 20 16.71 18.92 -2.46
C CYS D 20 16.83 17.45 -2.88
N LEU D 21 15.79 16.65 -2.63
CA LEU D 21 15.83 15.24 -3.02
C LEU D 21 15.78 15.06 -4.54
N ALA D 22 15.40 16.09 -5.28
CA ALA D 22 15.35 15.97 -6.74
C ALA D 22 16.75 15.96 -7.34
N CYS D 23 17.69 16.71 -6.74
CA CYS D 23 19.07 16.73 -7.21
C CYS D 23 20.00 15.87 -6.39
N HIS D 24 19.75 15.72 -5.09
CA HIS D 24 20.66 15.04 -4.19
C HIS D 24 20.05 13.73 -3.67
N SER D 25 20.93 12.78 -3.40
CA SER D 25 20.55 11.52 -2.76
C SER D 25 20.99 11.54 -1.30
N THR D 26 20.20 10.90 -0.45
CA THR D 26 20.51 10.85 0.98
C THR D 26 21.71 9.96 1.28
N GLY D 27 22.16 9.16 0.32
CA GLY D 27 23.34 8.33 0.47
C GLY D 27 24.55 8.91 -0.23
N THR D 28 25.40 8.04 -0.74
CA THR D 28 26.60 8.44 -1.46
C THR D 28 26.39 8.44 -2.98
N ASP D 29 25.21 8.08 -3.45
CA ASP D 29 24.93 8.09 -4.88
C ASP D 29 24.82 9.52 -5.40
N LYS D 30 25.30 9.74 -6.61
CA LYS D 30 25.24 11.05 -7.25
C LYS D 30 24.12 11.07 -8.28
N LEU D 31 23.14 11.94 -8.07
CA LEU D 31 22.09 12.16 -9.05
C LEU D 31 22.43 13.35 -9.93
N VAL D 32 22.12 14.55 -9.45
CA VAL D 32 22.55 15.79 -10.10
C VAL D 32 23.73 16.41 -9.38
N GLY D 33 23.67 16.45 -8.05
CA GLY D 33 24.80 16.86 -7.24
C GLY D 33 25.35 15.69 -6.45
N PRO D 34 26.35 15.94 -5.62
CA PRO D 34 26.91 14.85 -4.82
C PRO D 34 25.96 14.39 -3.73
N GLY D 35 26.08 13.11 -3.38
CA GLY D 35 25.27 12.55 -2.31
C GLY D 35 25.59 13.20 -0.98
N LEU D 36 24.59 13.78 -0.34
CA LEU D 36 24.82 14.61 0.84
C LEU D 36 25.06 13.78 2.10
N ALA D 37 25.49 12.53 1.93
CA ALA D 37 25.87 11.72 3.07
C ALA D 37 27.17 12.24 3.67
N GLY D 38 27.15 12.47 4.98
CA GLY D 38 28.33 13.02 5.64
C GLY D 38 28.73 14.40 5.17
N VAL D 39 27.75 15.23 4.79
CA VAL D 39 28.05 16.57 4.31
C VAL D 39 28.34 17.52 5.47
N MET D 40 27.90 17.19 6.69
CA MET D 40 28.14 18.02 7.86
C MET D 40 29.40 17.63 8.61
N THR D 41 30.28 16.86 7.98
CA THR D 41 31.55 16.46 8.58
C THR D 41 32.71 17.12 7.83
N THR D 42 33.87 17.13 8.47
CA THR D 42 35.06 17.73 7.87
C THR D 42 35.54 16.93 6.66
N ALA D 43 35.24 15.63 6.61
CA ALA D 43 35.60 14.83 5.44
C ALA D 43 34.78 15.21 4.22
N GLY D 44 33.64 15.87 4.41
CA GLY D 44 32.80 16.27 3.31
C GLY D 44 32.07 15.09 2.70
N PRO D 45 31.20 15.36 1.73
CA PRO D 45 30.51 14.27 1.04
C PRO D 45 31.43 13.57 0.06
N VAL D 46 30.93 12.48 -0.50
CA VAL D 46 31.68 11.71 -1.49
C VAL D 46 31.62 12.45 -2.82
N TYR D 47 32.79 12.89 -3.32
CA TYR D 47 32.89 13.61 -4.58
C TYR D 47 33.18 12.64 -5.72
N PRO D 48 32.75 12.98 -6.94
CA PRO D 48 33.07 12.13 -8.09
C PRO D 48 34.57 12.09 -8.34
N GLU D 49 35.04 10.92 -8.76
CA GLU D 49 36.47 10.72 -8.95
C GLU D 49 37.02 11.67 -10.01
N GLY D 50 38.19 12.23 -9.73
CA GLY D 50 38.74 13.29 -10.56
C GLY D 50 38.40 14.69 -10.10
N VAL D 51 37.57 14.83 -9.08
CA VAL D 51 37.18 16.13 -8.53
C VAL D 51 37.40 16.10 -7.02
N ASN D 52 38.13 17.08 -6.51
CA ASN D 52 38.37 17.19 -5.08
C ASN D 52 38.69 18.64 -4.75
N TYR D 53 37.91 19.24 -3.87
CA TYR D 53 38.09 20.63 -3.47
C TYR D 53 39.06 20.78 -2.31
N ARG D 54 39.82 19.72 -1.98
CA ARG D 54 40.78 19.74 -0.87
C ARG D 54 40.10 20.09 0.45
N GLY D 55 38.99 19.41 0.72
CA GLY D 55 38.29 19.62 1.98
C GLY D 55 37.65 20.97 2.12
N ASN D 56 37.30 21.62 1.02
CA ASN D 56 36.64 22.92 1.02
C ASN D 56 35.35 22.84 0.23
N LEU D 57 34.61 23.93 0.23
CA LEU D 57 33.35 24.05 -0.48
C LEU D 57 33.61 24.55 -1.90
N PRO D 58 32.68 24.30 -2.84
CA PRO D 58 32.88 24.76 -4.21
C PRO D 58 32.98 26.26 -4.36
N ASN D 59 32.46 27.04 -3.41
CA ASN D 59 32.54 28.50 -3.48
C ASN D 59 33.80 29.05 -2.84
N GLY D 60 34.72 28.19 -2.38
CA GLY D 60 35.96 28.61 -1.79
C GLY D 60 35.96 28.70 -0.28
N GLN D 61 34.79 28.89 0.34
CA GLN D 61 34.72 29.03 1.78
C GLN D 61 35.03 27.69 2.46
N PRO D 62 35.57 27.73 3.68
CA PRO D 62 35.81 26.48 4.42
C PRO D 62 34.51 25.80 4.79
N ARG D 63 34.65 24.57 5.28
CA ARG D 63 33.50 23.72 5.61
C ARG D 63 33.00 24.07 7.01
N THR D 64 32.18 25.11 7.08
CA THR D 64 31.50 25.52 8.31
C THR D 64 30.00 25.53 8.08
N GLU D 65 29.25 25.55 9.18
CA GLU D 65 27.80 25.60 9.07
C GLU D 65 27.33 26.92 8.48
N GLU D 66 27.99 28.03 8.84
CA GLU D 66 27.64 29.33 8.27
C GLU D 66 27.92 29.37 6.78
N ASN D 67 29.07 28.84 6.35
CA ASN D 67 29.40 28.85 4.92
C ASN D 67 28.48 27.91 4.15
N ILE D 68 28.13 26.76 4.73
CA ILE D 68 27.20 25.85 4.07
C ILE D 68 25.82 26.51 3.93
N ALA D 69 25.38 27.23 4.98
CA ALA D 69 24.10 27.92 4.90
C ALA D 69 24.13 29.01 3.83
N ALA D 70 25.23 29.77 3.77
CA ALA D 70 25.35 30.81 2.74
C ALA D 70 25.36 30.21 1.34
N TRP D 71 26.00 29.05 1.18
CA TRP D 71 26.02 28.38 -0.11
C TRP D 71 24.64 27.87 -0.49
N ILE D 72 23.90 27.34 0.48
CA ILE D 72 22.54 26.86 0.20
C ILE D 72 21.64 28.02 -0.19
N ARG D 73 21.76 29.15 0.51
CA ARG D 73 20.89 30.28 0.23
C ARG D 73 21.26 30.98 -1.07
N SER D 74 22.55 31.00 -1.42
CA SER D 74 23.01 31.68 -2.62
C SER D 74 23.13 30.77 -3.83
N GLY D 75 23.43 29.49 -3.63
CA GLY D 75 23.66 28.61 -4.75
C GLY D 75 24.95 28.99 -5.48
N GLY D 76 25.09 28.43 -6.67
CA GLY D 76 26.23 28.73 -7.51
C GLY D 76 26.63 27.51 -8.32
N GLN D 77 27.87 27.55 -8.82
CA GLN D 77 28.38 26.52 -9.70
C GLN D 77 29.83 26.20 -9.34
N GLY D 78 30.19 24.94 -9.48
CA GLY D 78 31.56 24.51 -9.23
C GLY D 78 32.05 23.52 -10.26
N GLN D 79 32.80 22.52 -9.82
CA GLN D 79 33.36 21.53 -10.73
C GLN D 79 32.38 20.41 -11.07
N ILE D 80 31.19 20.39 -10.45
CA ILE D 80 30.19 19.35 -10.69
C ILE D 80 29.03 19.88 -11.52
N GLY D 81 28.30 20.85 -11.00
CA GLY D 81 27.16 21.38 -11.72
C GLY D 81 26.67 22.69 -11.13
N VAL D 82 25.42 23.02 -11.43
CA VAL D 82 24.79 24.26 -11.00
C VAL D 82 23.72 23.93 -9.97
N MET D 83 23.67 24.74 -8.92
CA MET D 83 22.62 24.63 -7.90
C MET D 83 21.81 25.90 -7.87
N SER D 84 20.49 25.74 -7.83
CA SER D 84 19.60 26.90 -7.79
C SER D 84 19.60 27.52 -6.40
N PRO D 85 19.60 28.85 -6.30
CA PRO D 85 19.53 29.49 -4.99
C PRO D 85 18.19 29.23 -4.34
N HIS D 86 18.23 28.83 -3.06
CA HIS D 86 17.02 28.50 -2.31
C HIS D 86 17.01 29.36 -1.04
N GLU D 87 16.14 30.37 -1.03
CA GLU D 87 16.01 31.27 0.10
C GLU D 87 15.05 30.68 1.12
N MET D 88 15.36 30.87 2.40
CA MET D 88 14.55 30.34 3.47
C MET D 88 14.80 31.13 4.74
N SER D 89 13.88 31.00 5.70
CA SER D 89 14.04 31.64 6.98
C SER D 89 15.13 30.95 7.79
N ASP D 90 15.44 31.50 8.97
CA ASP D 90 16.46 30.89 9.82
C ASP D 90 15.97 29.62 10.47
N GLU D 91 14.66 29.52 10.75
CA GLU D 91 14.11 28.32 11.37
C GLU D 91 14.15 27.14 10.40
N ASP D 92 13.77 27.36 9.14
CA ASP D 92 13.84 26.30 8.15
C ASP D 92 15.27 25.86 7.91
N MET D 93 16.21 26.80 7.91
CA MET D 93 17.62 26.44 7.74
C MET D 93 18.13 25.66 8.94
N ALA D 94 17.70 26.02 10.15
CA ALA D 94 18.09 25.27 11.33
C ALA D 94 17.59 23.84 11.27
N ASN D 95 16.31 23.67 10.90
CA ASN D 95 15.77 22.31 10.75
C ASN D 95 16.50 21.55 9.65
N LEU D 96 16.82 22.22 8.55
CA LEU D 96 17.48 21.56 7.42
C LEU D 96 18.89 21.10 7.81
N LEU D 97 19.62 21.92 8.56
CA LEU D 97 20.93 21.50 9.04
C LEU D 97 20.82 20.38 10.06
N ALA D 98 19.80 20.43 10.92
CA ALA D 98 19.57 19.35 11.87
C ALA D 98 19.34 18.03 11.15
N TYR D 99 18.60 18.06 10.04
CA TYR D 99 18.37 16.84 9.28
C TYR D 99 19.64 16.40 8.53
N LEU D 100 20.36 17.36 7.93
CA LEU D 100 21.60 17.03 7.24
C LEU D 100 22.64 16.44 8.17
N HIS D 101 22.56 16.74 9.47
CA HIS D 101 23.46 16.11 10.42
C HIS D 101 23.20 14.62 10.59
N THR D 102 22.05 14.12 10.14
CA THR D 102 21.71 12.72 10.29
C THR D 102 22.12 11.87 9.09
N LEU D 103 22.51 12.49 7.98
CA LEU D 103 22.97 11.77 6.80
C LEU D 103 24.43 11.40 7.01
N LYS D 104 24.69 10.15 7.36
CA LYS D 104 26.02 9.69 7.72
C LYS D 104 26.66 8.92 6.56
N ARG D 105 27.99 8.96 6.51
CA ARG D 105 28.75 8.13 5.60
C ARG D 105 29.12 6.84 6.30
N PRO D 106 28.73 5.67 5.76
CA PRO D 106 29.00 4.37 6.40
C PRO D 106 30.49 4.04 6.47
N ALA E 3 11.82 -25.84 12.21
CA ALA E 3 12.30 -27.11 12.75
C ALA E 3 11.21 -28.17 12.69
N ASN E 4 10.78 -28.65 13.86
CA ASN E 4 9.76 -29.69 13.92
C ASN E 4 8.38 -29.13 13.56
N GLY E 5 7.94 -28.10 14.28
CA GLY E 5 6.68 -27.44 13.98
C GLY E 5 6.89 -26.03 13.49
N ASP E 6 6.45 -25.75 12.26
CA ASP E 6 6.69 -24.45 11.65
C ASP E 6 5.44 -23.59 11.81
N PRO E 7 5.44 -22.60 12.70
CA PRO E 7 4.22 -21.79 12.91
C PRO E 7 3.86 -20.91 11.72
N ALA E 8 4.78 -20.67 10.78
CA ALA E 8 4.42 -19.92 9.58
C ALA E 8 3.52 -20.74 8.67
N LYS E 9 3.93 -21.99 8.38
CA LYS E 9 3.04 -22.92 7.69
C LYS E 9 1.76 -23.12 8.48
N GLY E 10 1.84 -23.11 9.82
CA GLY E 10 0.64 -23.26 10.62
C GLY E 10 -0.34 -22.11 10.44
N GLN E 11 0.18 -20.88 10.38
CA GLN E 11 -0.69 -19.74 10.17
C GLN E 11 -1.27 -19.74 8.75
N LEU E 12 -0.45 -20.11 7.77
CA LEU E 12 -0.94 -20.19 6.40
C LEU E 12 -2.03 -21.27 6.26
N TYR E 13 -1.89 -22.36 7.00
CA TYR E 13 -2.91 -23.41 6.98
C TYR E 13 -4.16 -22.97 7.74
N PHE E 14 -3.99 -22.27 8.84
CA PHE E 14 -5.11 -21.75 9.61
C PHE E 14 -5.94 -20.79 8.76
N GLU E 15 -5.27 -19.92 8.00
CA GLU E 15 -5.96 -18.87 7.26
C GLU E 15 -6.37 -19.28 5.86
N ASN E 16 -5.84 -20.39 5.34
CA ASN E 16 -6.16 -20.78 3.97
C ASN E 16 -6.51 -22.26 3.87
N GLU E 17 -5.49 -23.13 3.89
CA GLU E 17 -5.68 -24.55 3.62
C GLU E 17 -6.48 -25.28 4.68
N GLY E 18 -6.90 -24.61 5.75
CA GLY E 18 -7.71 -25.26 6.78
C GLY E 18 -9.06 -24.61 6.94
N GLY E 19 -9.21 -23.37 6.44
CA GLY E 19 -10.47 -22.66 6.56
C GLY E 19 -10.87 -22.35 7.98
N CYS E 20 -9.90 -22.14 8.87
CA CYS E 20 -10.21 -21.90 10.27
C CYS E 20 -10.66 -20.47 10.54
N LEU E 21 -10.15 -19.50 9.77
CA LEU E 21 -10.51 -18.10 9.99
C LEU E 21 -11.99 -17.85 9.75
N ALA E 22 -12.62 -18.66 8.90
CA ALA E 22 -14.03 -18.45 8.60
C ALA E 22 -14.93 -18.83 9.77
N CYS E 23 -14.42 -19.58 10.75
CA CYS E 23 -15.19 -19.96 11.93
C CYS E 23 -14.59 -19.46 13.23
N HIS E 24 -13.27 -19.32 13.33
CA HIS E 24 -12.60 -18.95 14.57
C HIS E 24 -11.88 -17.63 14.41
N SER E 25 -11.78 -16.90 15.51
CA SER E 25 -11.01 -15.66 15.59
C SER E 25 -9.68 -15.92 16.28
N THR E 26 -8.65 -15.21 15.84
CA THR E 26 -7.32 -15.40 16.40
C THR E 26 -7.19 -14.81 17.80
N GLY E 27 -8.11 -13.94 18.21
CA GLY E 27 -8.09 -13.35 19.53
C GLY E 27 -9.13 -13.97 20.45
N THR E 28 -9.79 -13.12 21.22
CA THR E 28 -10.87 -13.57 22.11
C THR E 28 -12.25 -13.42 21.48
N ASP E 29 -12.35 -12.80 20.32
CA ASP E 29 -13.64 -12.68 19.64
C ASP E 29 -14.16 -14.05 19.24
N LYS E 30 -15.48 -14.16 19.14
CA LYS E 30 -16.15 -15.42 18.81
C LYS E 30 -16.94 -15.25 17.53
N LEU E 31 -16.55 -15.98 16.48
CA LEU E 31 -17.31 -16.02 15.25
C LEU E 31 -18.29 -17.19 15.30
N VAL E 32 -17.82 -18.37 14.90
CA VAL E 32 -18.59 -19.60 15.05
C VAL E 32 -18.15 -20.39 16.27
N GLY E 33 -16.84 -20.60 16.40
CA GLY E 33 -16.28 -21.19 17.60
C GLY E 33 -15.74 -20.12 18.52
N PRO E 34 -15.28 -20.52 19.70
CA PRO E 34 -14.78 -19.53 20.67
C PRO E 34 -13.48 -18.91 20.21
N GLY E 35 -13.09 -17.84 20.90
CA GLY E 35 -11.83 -17.17 20.61
C GLY E 35 -10.64 -18.02 21.02
N LEU E 36 -9.82 -18.42 20.05
CA LEU E 36 -8.78 -19.42 20.29
C LEU E 36 -7.59 -18.83 21.04
N ALA E 37 -7.80 -17.71 21.73
CA ALA E 37 -6.77 -17.12 22.57
C ALA E 37 -6.58 -17.98 23.83
N GLY E 38 -5.38 -18.53 23.99
CA GLY E 38 -5.13 -19.41 25.11
C GLY E 38 -5.73 -20.78 25.01
N VAL E 39 -5.98 -21.27 23.79
CA VAL E 39 -6.57 -22.59 23.62
C VAL E 39 -5.57 -23.69 23.96
N MET E 40 -4.29 -23.37 24.04
CA MET E 40 -3.24 -24.34 24.37
C MET E 40 -2.84 -24.28 25.85
N THR E 41 -3.65 -23.63 26.68
CA THR E 41 -3.42 -23.57 28.12
C THR E 41 -4.57 -24.27 28.84
N THR E 42 -4.35 -24.57 30.12
CA THR E 42 -5.40 -25.22 30.91
C THR E 42 -6.59 -24.29 31.13
N ALA E 43 -6.38 -22.97 31.10
CA ALA E 43 -7.50 -22.05 31.16
C ALA E 43 -8.41 -22.17 29.96
N GLY E 44 -7.89 -22.66 28.83
CA GLY E 44 -8.68 -22.85 27.63
C GLY E 44 -9.06 -21.53 27.00
N PRO E 45 -9.80 -21.59 25.90
CA PRO E 45 -10.27 -20.38 25.24
C PRO E 45 -11.32 -19.68 26.07
N VAL E 46 -11.64 -18.45 25.67
CA VAL E 46 -12.66 -17.66 26.35
C VAL E 46 -14.02 -18.20 25.96
N TYR E 47 -14.71 -18.88 26.90
CA TYR E 47 -16.00 -19.50 26.66
C TYR E 47 -17.14 -18.51 26.89
N PRO E 48 -18.24 -18.64 26.13
CA PRO E 48 -19.41 -17.78 26.30
C PRO E 48 -20.15 -18.03 27.60
N VAL E 51 -21.65 -21.54 29.27
CA VAL E 51 -20.92 -22.68 28.72
C VAL E 51 -19.61 -22.88 29.46
N ASN E 52 -19.44 -24.06 30.05
CA ASN E 52 -18.19 -24.40 30.73
C ASN E 52 -18.09 -25.92 30.81
N TYR E 53 -17.00 -26.48 30.29
CA TYR E 53 -16.78 -27.92 30.30
C TYR E 53 -15.90 -28.35 31.47
N ARG E 54 -15.69 -27.48 32.46
CA ARG E 54 -14.92 -27.79 33.67
C ARG E 54 -13.49 -28.19 33.33
N GLY E 55 -12.82 -27.34 32.54
CA GLY E 55 -11.44 -27.59 32.18
C GLY E 55 -11.21 -28.76 31.27
N ASN E 56 -12.23 -29.19 30.52
CA ASN E 56 -12.13 -30.30 29.60
C ASN E 56 -12.51 -29.83 28.19
N LEU E 57 -12.27 -30.71 27.22
CA LEU E 57 -12.68 -30.44 25.85
C LEU E 57 -14.18 -30.60 25.71
N PRO E 58 -14.78 -30.01 24.68
CA PRO E 58 -16.25 -30.17 24.50
C PRO E 58 -16.69 -31.60 24.28
N ASN E 59 -15.79 -32.50 23.86
CA ASN E 59 -16.16 -33.89 23.64
C ASN E 59 -15.89 -34.78 24.84
N GLY E 60 -15.44 -34.21 25.96
CA GLY E 60 -15.22 -34.93 27.19
C GLY E 60 -13.76 -35.23 27.50
N GLN E 61 -12.92 -35.33 26.46
CA GLN E 61 -11.51 -35.63 26.67
C GLN E 61 -10.84 -34.52 27.47
N PRO E 62 -9.82 -34.86 28.26
CA PRO E 62 -9.06 -33.82 28.94
C PRO E 62 -8.16 -33.07 27.97
N ARG E 63 -7.76 -31.87 28.39
CA ARG E 63 -7.06 -30.94 27.51
C ARG E 63 -5.60 -31.36 27.38
N THR E 64 -5.30 -32.13 26.34
CA THR E 64 -3.94 -32.45 25.95
C THR E 64 -3.80 -32.29 24.45
N GLU E 65 -2.55 -32.25 23.98
CA GLU E 65 -2.31 -32.08 22.55
C GLU E 65 -2.84 -33.26 21.75
N GLU E 66 -2.71 -34.49 22.30
CA GLU E 66 -3.26 -35.66 21.63
C GLU E 66 -4.77 -35.54 21.46
N ASN E 67 -5.48 -35.23 22.55
CA ASN E 67 -6.93 -35.13 22.49
C ASN E 67 -7.39 -33.95 21.66
N ILE E 68 -6.65 -32.84 21.70
CA ILE E 68 -7.02 -31.68 20.88
C ILE E 68 -6.85 -31.99 19.40
N ALA E 69 -5.75 -32.67 19.04
CA ALA E 69 -5.57 -33.08 17.65
C ALA E 69 -6.63 -34.07 17.22
N ALA E 70 -7.01 -34.99 18.11
CA ALA E 70 -8.08 -35.94 17.79
C ALA E 70 -9.40 -35.21 17.58
N TRP E 71 -9.68 -34.19 18.39
CA TRP E 71 -10.89 -33.39 18.20
C TRP E 71 -10.86 -32.65 16.87
N ILE E 72 -9.71 -32.08 16.51
CA ILE E 72 -9.59 -31.39 15.23
C ILE E 72 -9.84 -32.35 14.08
N ARG E 73 -9.33 -33.58 14.19
CA ARG E 73 -9.45 -34.54 13.11
C ARG E 73 -10.84 -35.16 13.03
N SER E 74 -11.57 -35.21 14.16
CA SER E 74 -12.86 -35.87 14.20
C SER E 74 -14.05 -34.92 14.33
N GLY E 75 -13.85 -33.74 14.92
CA GLY E 75 -14.94 -32.80 15.09
C GLY E 75 -15.93 -33.27 16.15
N GLY E 76 -17.01 -32.50 16.28
CA GLY E 76 -18.05 -32.85 17.22
C GLY E 76 -19.00 -31.69 17.43
N GLN E 77 -20.00 -31.94 18.26
CA GLN E 77 -21.03 -30.97 18.59
C GLN E 77 -21.09 -30.76 20.10
N GLY E 78 -21.21 -29.51 20.52
CA GLY E 78 -21.33 -29.23 21.93
C GLY E 78 -22.33 -28.12 22.09
N GLN E 79 -22.11 -27.27 23.08
CA GLN E 79 -23.09 -26.23 23.37
C GLN E 79 -22.93 -25.00 22.52
N ILE E 80 -21.79 -24.84 21.88
CA ILE E 80 -21.55 -23.67 21.07
C ILE E 80 -22.01 -23.98 19.65
N GLY E 81 -21.67 -25.15 19.14
CA GLY E 81 -22.08 -25.51 17.80
C GLY E 81 -21.49 -26.83 17.33
N VAL E 82 -21.36 -26.98 16.01
CA VAL E 82 -20.83 -28.20 15.40
C VAL E 82 -19.59 -27.82 14.60
N MET E 83 -18.59 -28.69 14.62
CA MET E 83 -17.35 -28.49 13.88
C MET E 83 -17.16 -29.64 12.91
N SER E 84 -17.02 -29.32 11.63
CA SER E 84 -16.76 -30.34 10.63
C SER E 84 -15.37 -30.93 10.83
N PRO E 85 -15.18 -32.22 10.53
CA PRO E 85 -13.85 -32.82 10.70
C PRO E 85 -12.85 -32.26 9.70
N HIS E 86 -11.64 -32.00 10.19
CA HIS E 86 -10.55 -31.45 9.40
C HIS E 86 -9.36 -32.40 9.50
N GLU E 87 -9.24 -33.29 8.52
CA GLU E 87 -8.10 -34.20 8.45
C GLU E 87 -6.94 -33.51 7.74
N MET E 88 -5.73 -33.86 8.17
CA MET E 88 -4.52 -33.26 7.62
C MET E 88 -3.33 -34.16 7.92
N SER E 89 -2.23 -33.90 7.23
CA SER E 89 -1.01 -34.65 7.49
C SER E 89 -0.45 -34.31 8.86
N ASP E 90 0.45 -35.18 9.34
CA ASP E 90 1.07 -34.94 10.64
C ASP E 90 1.95 -33.69 10.63
N GLU E 91 2.59 -33.40 9.49
CA GLU E 91 3.38 -32.18 9.38
C GLU E 91 2.49 -30.94 9.46
N ASP E 92 1.38 -30.94 8.71
CA ASP E 92 0.46 -29.82 8.75
C ASP E 92 -0.16 -29.66 10.12
N MET E 93 -0.49 -30.77 10.79
CA MET E 93 -1.04 -30.70 12.13
C MET E 93 -0.03 -30.14 13.12
N ALA E 94 1.23 -30.55 13.00
CA ALA E 94 2.27 -30.02 13.88
C ALA E 94 2.44 -28.52 13.67
N ASN E 95 2.46 -28.07 12.41
CA ASN E 95 2.56 -26.64 12.13
C ASN E 95 1.35 -25.88 12.68
N LEU E 96 0.16 -26.45 12.52
CA LEU E 96 -1.05 -25.79 12.99
C LEU E 96 -1.08 -25.67 14.50
N LEU E 97 -0.65 -26.72 15.21
CA LEU E 97 -0.59 -26.64 16.67
C LEU E 97 0.50 -25.67 17.12
N ALA E 98 1.62 -25.60 16.38
CA ALA E 98 2.65 -24.62 16.70
C ALA E 98 2.11 -23.20 16.57
N TYR E 99 1.29 -22.95 15.54
CA TYR E 99 0.69 -21.63 15.41
C TYR E 99 -0.36 -21.38 16.49
N LEU E 100 -1.14 -22.41 16.83
CA LEU E 100 -2.13 -22.27 17.90
C LEU E 100 -1.47 -21.94 19.24
N HIS E 101 -0.23 -22.41 19.44
CA HIS E 101 0.48 -22.07 20.67
C HIS E 101 0.74 -20.58 20.79
N THR E 102 0.94 -19.89 19.67
CA THR E 102 1.24 -18.46 19.70
C THR E 102 0.03 -17.60 20.05
N LEU E 103 -1.16 -18.19 20.13
CA LEU E 103 -2.37 -17.46 20.47
C LEU E 103 -2.46 -17.35 21.98
N LYS E 104 -2.10 -16.19 22.53
CA LYS E 104 -2.11 -15.97 23.97
C LYS E 104 -3.41 -15.30 24.40
N ARG E 105 -3.86 -15.65 25.61
CA ARG E 105 -5.09 -15.11 26.16
C ARG E 105 -4.78 -14.04 27.20
N PRO E 106 -5.47 -12.89 27.15
CA PRO E 106 -5.25 -11.80 28.12
C PRO E 106 -5.57 -12.20 29.55
N GLY F 5 6.44 38.73 -22.71
CA GLY F 5 7.65 38.13 -22.18
C GLY F 5 8.90 38.46 -22.99
N ASP F 6 10.05 38.29 -22.37
CA ASP F 6 11.33 38.58 -23.01
C ASP F 6 12.14 37.29 -23.12
N PRO F 7 12.37 36.78 -24.34
CA PRO F 7 13.13 35.52 -24.47
C PRO F 7 14.60 35.65 -24.10
N ALA F 8 15.18 36.85 -24.15
CA ALA F 8 16.56 37.01 -23.73
C ALA F 8 16.71 36.83 -22.22
N LYS F 9 15.91 37.58 -21.44
CA LYS F 9 15.85 37.34 -20.01
C LYS F 9 15.46 35.90 -19.71
N GLY F 10 14.59 35.32 -20.55
CA GLY F 10 14.16 33.95 -20.34
C GLY F 10 15.31 32.97 -20.45
N GLN F 11 16.13 33.11 -21.49
CA GLN F 11 17.28 32.23 -21.64
C GLN F 11 18.31 32.47 -20.55
N LEU F 12 18.52 33.73 -20.16
CA LEU F 12 19.49 34.00 -19.10
C LEU F 12 19.04 33.42 -17.76
N TYR F 13 17.73 33.43 -17.50
CA TYR F 13 17.20 32.82 -16.29
C TYR F 13 17.16 31.30 -16.38
N PHE F 14 16.99 30.77 -17.58
CA PHE F 14 16.98 29.32 -17.78
C PHE F 14 18.36 28.73 -17.55
N GLU F 15 19.40 29.41 -18.05
CA GLU F 15 20.75 28.86 -17.95
C GLU F 15 21.38 29.08 -16.58
N ASN F 16 20.92 30.06 -15.81
CA ASN F 16 21.58 30.40 -14.56
C ASN F 16 20.67 30.28 -13.35
N GLU F 17 19.90 31.33 -13.06
CA GLU F 17 19.14 31.40 -11.81
C GLU F 17 18.08 30.31 -11.71
N GLY F 18 17.67 29.73 -12.83
CA GLY F 18 16.66 28.68 -12.79
C GLY F 18 17.25 27.32 -12.54
N GLY F 19 18.52 27.13 -12.90
CA GLY F 19 19.16 25.84 -12.77
C GLY F 19 18.53 24.75 -13.61
N CYS F 20 17.84 25.13 -14.70
CA CYS F 20 17.12 24.14 -15.49
C CYS F 20 18.06 23.32 -16.37
N LEU F 21 19.13 23.95 -16.88
CA LEU F 21 20.04 23.24 -17.77
C LEU F 21 20.72 22.05 -17.09
N ALA F 22 20.82 22.07 -15.76
CA ALA F 22 21.34 20.91 -15.05
C ALA F 22 20.40 19.72 -15.12
N CYS F 23 19.12 19.95 -15.42
CA CYS F 23 18.13 18.89 -15.52
C CYS F 23 17.58 18.71 -16.93
N HIS F 24 17.45 19.78 -17.70
CA HIS F 24 16.77 19.73 -18.99
C HIS F 24 17.71 20.12 -20.12
N SER F 25 17.40 19.61 -21.31
CA SER F 25 18.08 19.96 -22.55
C SER F 25 17.16 20.83 -23.40
N THR F 26 17.78 21.74 -24.16
CA THR F 26 17.00 22.61 -25.04
C THR F 26 16.38 21.86 -26.20
N GLY F 27 16.91 20.68 -26.54
CA GLY F 27 16.41 19.86 -27.63
C GLY F 27 15.48 18.76 -27.14
N THR F 28 15.60 17.59 -27.77
CA THR F 28 14.74 16.46 -27.45
C THR F 28 15.39 15.45 -26.52
N ASP F 29 16.70 15.53 -26.30
CA ASP F 29 17.37 14.59 -25.42
C ASP F 29 16.93 14.79 -23.97
N LYS F 30 17.10 13.73 -23.18
CA LYS F 30 16.71 13.72 -21.78
C LYS F 30 17.95 13.65 -20.90
N LEU F 31 18.15 14.66 -20.06
CA LEU F 31 19.20 14.62 -19.04
C LEU F 31 18.63 13.98 -17.78
N VAL F 32 17.98 14.80 -16.95
CA VAL F 32 17.22 14.31 -15.81
C VAL F 32 15.73 14.28 -16.11
N GLY F 33 15.21 15.35 -16.72
CA GLY F 33 13.85 15.38 -17.19
C GLY F 33 13.80 15.38 -18.70
N PRO F 34 12.59 15.40 -19.26
CA PRO F 34 12.46 15.36 -20.73
C PRO F 34 12.94 16.65 -21.37
N GLY F 35 13.32 16.54 -22.64
CA GLY F 35 13.73 17.70 -23.40
C GLY F 35 12.58 18.67 -23.59
N LEU F 36 12.80 19.93 -23.23
CA LEU F 36 11.74 20.94 -23.25
C LEU F 36 11.44 21.48 -24.65
N ALA F 37 11.95 20.83 -25.70
CA ALA F 37 11.63 21.25 -27.05
C ALA F 37 10.17 20.96 -27.35
N GLY F 38 9.42 22.00 -27.70
CA GLY F 38 8.00 21.84 -27.98
C GLY F 38 7.14 21.64 -26.75
N VAL F 39 7.62 22.06 -25.57
CA VAL F 39 6.84 21.90 -24.35
C VAL F 39 5.67 22.87 -24.30
N MET F 40 5.72 23.96 -25.08
CA MET F 40 4.68 24.97 -25.08
C MET F 40 3.63 24.73 -26.16
N THR F 41 3.67 23.59 -26.83
CA THR F 41 2.68 23.23 -27.84
C THR F 41 1.71 22.20 -27.29
N THR F 42 0.62 21.98 -28.02
CA THR F 42 -0.37 21.00 -27.60
C THR F 42 0.14 19.57 -27.71
N ALA F 43 1.19 19.34 -28.50
CA ALA F 43 1.74 17.99 -28.62
C ALA F 43 2.64 17.63 -27.45
N GLY F 44 3.27 18.62 -26.81
CA GLY F 44 4.12 18.37 -25.68
C GLY F 44 5.51 17.93 -26.10
N PRO F 45 6.37 17.65 -25.13
CA PRO F 45 7.73 17.22 -25.43
C PRO F 45 7.78 15.77 -25.88
N VAL F 46 8.97 15.34 -26.29
CA VAL F 46 9.20 13.96 -26.72
C VAL F 46 9.48 13.14 -25.46
N TYR F 47 8.50 12.35 -25.03
CA TYR F 47 8.66 11.53 -23.84
C TYR F 47 9.42 10.24 -24.18
N PRO F 48 10.08 9.63 -23.18
CA PRO F 48 10.73 8.34 -23.42
C PRO F 48 9.72 7.22 -23.67
N GLU F 49 10.20 5.98 -23.76
CA GLU F 49 9.34 4.88 -24.16
C GLU F 49 8.36 4.54 -23.05
N GLY F 50 7.10 4.33 -23.44
CA GLY F 50 6.07 3.91 -22.52
C GLY F 50 5.41 5.05 -21.76
N VAL F 51 6.13 6.14 -21.53
CA VAL F 51 5.57 7.26 -20.76
C VAL F 51 4.48 7.94 -21.59
N ASN F 52 3.32 8.15 -20.97
CA ASN F 52 2.19 8.76 -21.68
C ASN F 52 1.25 9.37 -20.65
N TYR F 53 1.06 10.69 -20.71
CA TYR F 53 0.16 11.40 -19.80
C TYR F 53 -1.14 11.81 -20.48
N ARG F 54 -1.55 11.11 -21.55
CA ARG F 54 -2.76 11.43 -22.30
C ARG F 54 -2.71 12.85 -22.86
N GLY F 55 -1.52 13.26 -23.31
CA GLY F 55 -1.36 14.60 -23.84
C GLY F 55 -1.48 15.70 -22.82
N ASN F 56 -1.38 15.39 -21.53
CA ASN F 56 -1.47 16.36 -20.45
C ASN F 56 -0.11 16.51 -19.78
N LEU F 57 -0.09 17.31 -18.72
CA LEU F 57 1.10 17.48 -17.91
C LEU F 57 1.27 16.31 -16.96
N PRO F 58 2.47 16.10 -16.41
CA PRO F 58 2.67 14.99 -15.47
C PRO F 58 1.78 15.05 -14.24
N ASN F 59 1.22 16.22 -13.90
CA ASN F 59 0.36 16.34 -12.73
C ASN F 59 -1.11 16.09 -13.04
N GLY F 60 -1.47 15.91 -14.31
CA GLY F 60 -2.83 15.60 -14.72
C GLY F 60 -3.55 16.76 -15.39
N GLN F 61 -3.22 17.99 -15.01
CA GLN F 61 -3.88 19.15 -15.57
C GLN F 61 -3.58 19.28 -17.06
N PRO F 62 -4.48 19.87 -17.85
CA PRO F 62 -4.25 19.99 -19.28
C PRO F 62 -3.12 20.95 -19.60
N ARG F 63 -2.64 20.86 -20.84
CA ARG F 63 -1.48 21.63 -21.28
C ARG F 63 -1.91 23.06 -21.62
N THR F 64 -1.95 23.90 -20.60
CA THR F 64 -2.13 25.33 -20.75
C THR F 64 -0.94 26.04 -20.14
N GLU F 65 -0.70 27.28 -20.59
CA GLU F 65 0.39 28.06 -20.02
C GLU F 65 0.17 28.31 -18.53
N GLU F 66 -1.09 28.45 -18.10
CA GLU F 66 -1.40 28.56 -16.68
C GLU F 66 -0.93 27.32 -15.93
N ASN F 67 -1.34 26.14 -16.41
CA ASN F 67 -0.97 24.90 -15.73
C ASN F 67 0.52 24.63 -15.84
N ILE F 68 1.15 25.02 -16.96
CA ILE F 68 2.59 24.82 -17.11
C ILE F 68 3.35 25.68 -16.11
N ALA F 69 2.95 26.95 -15.97
CA ALA F 69 3.58 27.83 -15.00
C ALA F 69 3.35 27.34 -13.58
N ALA F 70 2.15 26.84 -13.29
CA ALA F 70 1.87 26.31 -11.96
C ALA F 70 2.73 25.08 -11.67
N TRP F 71 2.91 24.21 -12.66
CA TRP F 71 3.75 23.04 -12.48
C TRP F 71 5.21 23.43 -12.28
N ILE F 72 5.67 24.47 -13.00
CA ILE F 72 7.03 24.96 -12.79
C ILE F 72 7.19 25.51 -11.38
N ARG F 73 6.18 26.23 -10.88
CA ARG F 73 6.26 26.81 -9.54
C ARG F 73 6.24 25.74 -8.46
N SER F 74 5.39 24.71 -8.62
CA SER F 74 5.21 23.72 -7.57
C SER F 74 6.08 22.49 -7.76
N GLY F 75 6.25 22.02 -8.99
CA GLY F 75 6.99 20.80 -9.21
C GLY F 75 6.17 19.58 -8.80
N GLY F 76 6.82 18.43 -8.85
CA GLY F 76 6.20 17.19 -8.46
C GLY F 76 6.94 16.00 -9.03
N GLN F 77 6.28 14.85 -8.97
CA GLN F 77 6.84 13.60 -9.45
C GLN F 77 5.82 12.90 -10.35
N GLY F 78 6.27 12.50 -11.53
CA GLY F 78 5.42 11.76 -12.44
C GLY F 78 6.00 10.40 -12.79
N GLN F 79 5.82 9.96 -14.03
CA GLN F 79 6.32 8.66 -14.45
C GLN F 79 7.80 8.67 -14.77
N ILE F 80 8.38 9.83 -15.04
CA ILE F 80 9.79 9.94 -15.43
C ILE F 80 10.65 10.14 -14.18
N GLY F 81 10.53 11.30 -13.56
CA GLY F 81 11.33 11.63 -12.40
C GLY F 81 10.69 12.67 -11.53
N VAL F 82 11.52 13.41 -10.80
CA VAL F 82 11.06 14.42 -9.85
C VAL F 82 11.66 15.76 -10.23
N MET F 83 10.87 16.82 -10.08
CA MET F 83 11.32 18.19 -10.34
C MET F 83 11.12 19.03 -9.10
N SER F 84 12.07 19.96 -8.87
CA SER F 84 12.07 20.80 -7.68
C SER F 84 11.05 21.93 -7.82
N PRO F 85 10.53 22.43 -6.70
CA PRO F 85 9.66 23.61 -6.76
C PRO F 85 10.48 24.88 -6.99
N HIS F 86 10.09 25.65 -8.01
CA HIS F 86 10.81 26.86 -8.41
C HIS F 86 9.91 28.06 -8.18
N GLU F 87 9.99 28.63 -6.98
CA GLU F 87 9.27 29.86 -6.68
C GLU F 87 9.94 31.04 -7.37
N MET F 88 9.14 31.86 -8.06
CA MET F 88 9.68 33.00 -8.78
C MET F 88 8.57 34.04 -8.93
N SER F 89 8.98 35.25 -9.31
CA SER F 89 8.04 36.32 -9.56
C SER F 89 7.36 36.12 -10.92
N ASP F 90 6.40 37.00 -11.21
CA ASP F 90 5.66 36.90 -12.46
C ASP F 90 6.47 37.41 -13.64
N GLU F 91 7.38 38.36 -13.42
CA GLU F 91 8.21 38.87 -14.50
C GLU F 91 9.15 37.79 -15.02
N ASP F 92 9.87 37.13 -14.11
CA ASP F 92 10.78 36.05 -14.51
C ASP F 92 10.00 34.91 -15.15
N MET F 93 8.79 34.62 -14.65
CA MET F 93 7.98 33.57 -15.23
C MET F 93 7.56 33.91 -16.65
N ALA F 94 7.16 35.17 -16.89
CA ALA F 94 6.78 35.59 -18.22
C ALA F 94 7.97 35.48 -19.18
N ASN F 95 9.14 35.96 -18.76
CA ASN F 95 10.32 35.86 -19.61
C ASN F 95 10.69 34.41 -19.88
N LEU F 96 10.57 33.55 -18.86
CA LEU F 96 10.94 32.15 -19.00
C LEU F 96 10.00 31.41 -19.94
N LEU F 97 8.69 31.69 -19.85
CA LEU F 97 7.75 31.10 -20.78
C LEU F 97 7.97 31.62 -22.20
N ALA F 98 8.34 32.90 -22.32
CA ALA F 98 8.67 33.45 -23.63
C ALA F 98 9.86 32.72 -24.25
N TYR F 99 10.87 32.41 -23.43
CA TYR F 99 12.00 31.65 -23.95
C TYR F 99 11.61 30.22 -24.30
N LEU F 100 10.83 29.57 -23.42
CA LEU F 100 10.40 28.20 -23.69
C LEU F 100 9.55 28.10 -24.95
N HIS F 101 8.87 29.19 -25.32
CA HIS F 101 8.15 29.21 -26.58
C HIS F 101 9.08 29.14 -27.78
N THR F 102 10.33 29.57 -27.63
CA THR F 102 11.29 29.52 -28.73
C THR F 102 11.90 28.14 -28.93
N LEU F 103 11.66 27.21 -28.01
CA LEU F 103 12.19 25.84 -28.12
C LEU F 103 11.24 25.04 -28.99
N LYS F 104 11.54 24.99 -30.28
CA LYS F 104 10.72 24.28 -31.24
C LYS F 104 11.13 22.82 -31.34
N ARG F 105 10.16 21.97 -31.69
CA ARG F 105 10.45 20.55 -31.90
C ARG F 105 10.69 20.29 -33.38
N PRO F 106 11.80 19.63 -33.75
CA PRO F 106 12.11 19.35 -35.16
C PRO F 106 11.10 18.41 -35.81
FE HEC G . -6.30 3.58 4.08
CHA HEC G . -9.74 3.83 4.06
CHB HEC G . -6.18 5.69 6.79
CHC HEC G . -2.85 3.43 4.11
CHD HEC G . -6.32 2.05 1.02
NA HEC G . -7.70 4.63 5.18
C1A HEC G . -9.07 4.49 5.08
C2A HEC G . -9.67 5.16 6.23
C3A HEC G . -8.68 5.66 6.97
C4A HEC G . -7.42 5.35 6.34
CMA HEC G . -8.86 6.46 8.28
CAA HEC G . -11.18 5.27 6.53
CBA HEC G . -11.82 6.27 5.58
CGA HEC G . -13.20 6.59 6.08
O1A HEC G . -13.50 6.27 7.26
O2A HEC G . -14.00 7.17 5.30
NB HEC G . -4.79 4.47 5.18
C1B HEC G . -4.98 5.18 6.34
C2B HEC G . -3.71 5.30 7.02
C3B HEC G . -2.79 4.68 6.28
C4B HEC G . -3.45 4.15 5.11
CMB HEC G . -3.49 6.05 8.36
CAB HEC G . -1.28 4.55 6.58
CBB HEC G . -1.06 3.57 7.77
NC HEC G . -4.85 2.91 2.79
C1C HEC G . -3.49 2.88 3.02
C2C HEC G . -2.89 2.00 2.04
C3C HEC G . -3.81 1.76 1.10
C4C HEC G . -5.09 2.23 1.61
CMC HEC G . -1.35 1.88 1.85
CAC HEC G . -3.59 0.98 -0.20
CBC HEC G . -3.28 -0.51 0.13
ND HEC G . -7.80 3.04 2.73
C1D HEC G . -7.56 2.38 1.54
C2D HEC G . -8.82 2.06 0.93
C3D HEC G . -9.89 2.62 1.88
C4D HEC G . -9.16 3.21 2.97
CMD HEC G . -9.05 1.32 -0.41
CAD HEC G . -11.42 2.54 1.70
CBD HEC G . -11.92 1.17 2.14
CGD HEC G . -13.34 0.99 1.67
O1D HEC G . -14.28 1.39 2.41
O2D HEC G . -13.52 0.44 0.56
FE HEC H . 4.50 -3.17 -5.59
CHA HEC H . 5.52 -2.72 -8.83
CHB HEC H . 6.65 -5.83 -5.29
CHC HEC H . 3.74 -3.46 -2.22
CHD HEC H . 1.88 -1.05 -6.00
NA HEC H . 5.82 -4.12 -6.85
C1A HEC H . 6.13 -3.75 -8.14
C2A HEC H . 7.19 -4.63 -8.62
C3A HEC H . 7.48 -5.47 -7.63
C4A HEC H . 6.63 -5.18 -6.50
CMA HEC H . 8.55 -6.59 -7.69
CAA HEC H . 7.87 -4.62 -10.01
CBA HEC H . 6.86 -4.73 -11.14
CGA HEC H . 7.62 -4.78 -12.45
O1A HEC H . 7.15 -4.17 -13.44
O2A HEC H . 8.69 -5.43 -12.49
NB HEC H . 5.04 -4.44 -4.05
C1B HEC H . 6.02 -5.41 -4.15
C2B HEC H . 6.28 -5.93 -2.82
C3B HEC H . 5.48 -5.28 -1.97
C4B HEC H . 4.68 -4.33 -2.72
CMB HEC H . 7.30 -7.03 -2.49
CAB HEC H . 5.39 -5.49 -0.45
CBB HEC H . 6.67 -5.00 0.26
NC HEC H . 3.05 -2.46 -4.35
C1C HEC H . 2.98 -2.59 -2.97
C2C HEC H . 2.10 -1.56 -2.47
C3C HEC H . 1.47 -1.02 -3.52
C4C HEC H . 2.13 -1.49 -4.72
CMC HEC H . 1.60 -1.50 -1.01
CAC HEC H . 0.38 0.07 -3.48
CBC HEC H . 0.99 1.39 -2.98
ND HEC H . 3.80 -2.06 -7.17
C1D HEC H . 2.70 -1.22 -7.11
C2D HEC H . 2.54 -0.55 -8.37
C3D HEC H . 3.68 -1.08 -9.25
C4D HEC H . 4.41 -2.01 -8.43
CMD HEC H . 1.45 0.49 -8.77
CAD HEC H . 4.00 -0.70 -10.72
CBD HEC H . 4.60 0.69 -10.74
CGD HEC H . 4.65 1.17 -12.16
O1D HEC H . 3.88 2.11 -12.49
O2D HEC H . 5.44 0.61 -12.96
FE HEC I . -21.38 -18.81 2.46
CHA HEC I . -21.34 -15.66 1.14
CHB HEC I . -23.37 -19.87 -0.15
CHC HEC I . -21.57 -21.98 3.83
CHD HEC I . -19.72 -17.73 5.29
NA HEC I . -22.23 -17.92 0.82
C1A HEC I . -22.03 -16.62 0.42
C2A HEC I . -22.66 -16.45 -0.89
C3A HEC I . -23.21 -17.61 -1.23
C4A HEC I . -22.95 -18.56 -0.17
CMA HEC I . -23.98 -17.89 -2.54
CAA HEC I . -22.69 -15.17 -1.74
CBA HEC I . -23.43 -14.05 -1.02
CGA HEC I . -23.54 -12.88 -1.94
O1A HEC I . -23.08 -11.78 -1.55
O2A HEC I . -24.07 -13.04 -3.07
NB HEC I . -22.36 -20.58 1.98
C1B HEC I . -23.01 -20.82 0.78
C2B HEC I . -23.22 -22.24 0.66
C3B HEC I . -22.73 -22.83 1.76
C4B HEC I . -22.17 -21.79 2.61
CMB HEC I . -23.92 -22.93 -0.52
CAB HEC I . -22.73 -24.35 2.10
CBB HEC I . -21.74 -25.10 1.18
NC HEC I . -20.77 -19.69 4.22
C1C HEC I . -20.94 -21.02 4.58
C2C HEC I . -20.24 -21.25 5.83
C3C HEC I . -19.85 -20.06 6.29
C4C HEC I . -20.09 -19.06 5.26
CMC HEC I . -20.34 -22.56 6.64
CAC HEC I . -19.12 -19.79 7.63
CBC HEC I . -17.73 -20.47 7.63
ND HEC I . -20.63 -17.00 3.10
C1D HEC I . -20.02 -16.77 4.34
C2D HEC I . -19.75 -15.36 4.48
C3D HEC I . -20.26 -14.72 3.18
C4D HEC I . -20.78 -15.82 2.39
CMD HEC I . -19.09 -14.65 5.68
CAD HEC I . -20.22 -13.24 2.78
CBD HEC I . -18.78 -12.81 2.53
CGD HEC I . -18.78 -11.41 1.98
O1D HEC I . -17.74 -10.71 2.14
O2D HEC I . -19.80 -10.99 1.39
FE HEC J . 22.50 21.30 -3.64
CHA HEC J . 25.91 21.05 -3.73
CHB HEC J . 22.61 21.53 -0.21
CHC HEC J . 19.07 21.72 -3.52
CHD HEC J . 22.27 20.59 -6.98
NA HEC J . 23.99 21.25 -2.23
C1A HEC J . 25.35 21.22 -2.50
C2A HEC J . 26.05 21.43 -1.23
C3A HEC J . 25.13 21.56 -0.27
C4A HEC J . 23.82 21.44 -0.88
CMA HEC J . 25.42 21.80 1.23
CAA HEC J . 27.57 21.49 -1.02
CBA HEC J . 28.22 20.15 -1.35
CGA HEC J . 29.67 20.19 -0.96
O1A HEC J . 30.40 19.22 -1.25
O2A HEC J . 30.10 21.22 -0.36
NB HEC J . 21.09 21.55 -2.15
C1B HEC J . 21.38 21.66 -0.81
C2B HEC J . 20.14 21.94 -0.11
C3B HEC J . 19.15 21.99 -1.02
C4B HEC J . 19.73 21.74 -2.32
CMB HEC J . 20.01 22.13 1.41
CAB HEC J . 17.65 22.26 -0.75
CBB HEC J . 17.44 23.73 -0.34
NC HEC J . 20.95 21.13 -4.98
C1C HEC J . 19.62 21.44 -4.75
C2C HEC J . 18.95 21.56 -6.03
C3C HEC J . 19.79 21.10 -6.96
C4C HEC J . 21.10 20.92 -6.34
CMC HEC J . 17.42 21.69 -6.19
CAC HEC J . 19.50 20.96 -8.47
CBC HEC J . 19.37 22.36 -9.11
ND HEC J . 23.87 20.87 -5.12
C1D HEC J . 23.54 20.66 -6.47
C2D HEC J . 24.77 20.51 -7.23
C3D HEC J . 25.90 20.65 -6.20
C4D HEC J . 25.25 20.87 -4.93
CMD HEC J . 24.89 20.27 -8.75
CAD HEC J . 27.43 20.60 -6.44
CBD HEC J . 27.86 21.68 -7.42
CGD HEC J . 29.35 21.62 -7.57
O1D HEC J . 29.85 21.98 -8.67
O2D HEC J . 30.04 21.19 -6.61
FE HEC K . -13.14 -25.41 15.12
CHA HEC K . -14.09 -25.60 18.41
CHB HEC K . -9.85 -25.91 16.05
CHC HEC K . -12.08 -25.01 11.83
CHD HEC K . -16.29 -24.43 14.19
NA HEC K . -12.15 -25.64 16.91
C1A HEC K . -12.76 -25.81 18.14
C2A HEC K . -11.74 -26.26 19.08
C3A HEC K . -10.58 -26.34 18.41
C4A HEC K . -10.81 -25.95 17.05
CMA HEC K . -9.22 -26.78 19.02
CAA HEC K . -11.91 -26.60 20.58
CBA HEC K . -12.37 -25.37 21.37
CGA HEC K . -12.31 -25.69 22.84
O1A HEC K . -11.65 -26.70 23.21
O2A HEC K . -12.92 -24.94 23.63
NB HEC K . -11.31 -25.41 14.13
C1B HEC K . -10.10 -25.71 14.70
C2B HEC K . -9.11 -25.79 13.66
C3B HEC K . -9.71 -25.54 12.49
C4B HEC K . -11.11 -25.30 12.77
CMB HEC K . -7.61 -26.09 13.90
CAB HEC K . -9.07 -25.50 11.09
CBB HEC K . -8.61 -26.91 10.66
NC HEC K . -14.00 -24.80 13.35
C1C HEC K . -13.41 -24.78 12.10
C2C HEC K . -14.46 -24.64 11.11
C3C HEC K . -15.59 -24.31 11.77
C4C HEC K . -15.35 -24.52 13.19
CMC HEC K . -14.19 -24.35 9.61
CAC HEC K . -16.95 -23.97 11.13
CBC HEC K . -17.55 -25.23 10.48
ND HEC K . -14.90 -25.03 16.15
C1D HEC K . -16.11 -24.73 15.52
C2D HEC K . -17.16 -24.77 16.51
C3D HEC K . -16.48 -25.13 17.83
C4D HEC K . -15.08 -25.28 17.50
CMD HEC K . -18.68 -24.50 16.28
CAD HEC K . -17.15 -25.31 19.20
CBD HEC K . -17.66 -26.75 19.30
CGD HEC K . -18.24 -27.00 20.66
O1D HEC K . -18.50 -28.18 20.98
O2D HEC K . -18.42 -26.02 21.43
FE HEC L . 11.59 20.73 -15.26
CHA HEC L . 9.13 18.62 -16.34
CHB HEC L . 10.10 23.32 -16.98
CHC HEC L . 13.87 22.97 -13.95
CHD HEC L . 13.33 18.15 -13.86
NA HEC L . 9.93 20.92 -16.47
C1A HEC L . 9.02 19.93 -16.76
C2A HEC L . 7.96 20.51 -17.55
C3A HEC L . 8.23 21.80 -17.72
C4A HEC L . 9.48 22.10 -17.04
CMA HEC L . 7.38 22.83 -18.50
CAA HEC L . 6.72 19.79 -18.11
CBA HEC L . 7.16 18.72 -19.11
CGA HEC L . 5.95 18.00 -19.63
O1A HEC L . 5.01 18.68 -20.13
O2A HEC L . 5.92 16.75 -19.56
NB HEC L . 11.92 22.75 -15.43
C1B HEC L . 11.17 23.63 -16.19
C2B HEC L . 11.72 24.96 -16.02
C3B HEC L . 12.77 24.87 -15.18
C4B HEC L . 12.91 23.49 -14.80
CMB HEC L . 11.17 26.23 -16.70
CAB HEC L . 13.66 26.02 -14.69
CBB HEC L . 12.89 26.95 -13.71
NC HEC L . 13.31 20.59 -14.15
C1C HEC L . 14.05 21.64 -13.65
C2C HEC L . 14.93 21.12 -12.63
C3C HEC L . 14.90 19.78 -12.72
C4C HEC L . 13.80 19.42 -13.61
CMC HEC L . 16.06 21.94 -11.97
CAC HEC L . 15.74 18.79 -11.89
CBC HEC L . 15.30 18.83 -10.42
ND HEC L . 11.28 18.69 -15.13
C1D HEC L . 12.13 17.82 -14.47
C2D HEC L . 11.57 16.49 -14.52
C3D HEC L . 10.26 16.64 -15.31
C4D HEC L . 10.17 18.04 -15.64
CMD HEC L . 12.19 15.21 -13.91
CAD HEC L . 9.20 15.56 -15.68
CBD HEC L . 8.79 14.73 -14.47
CGD HEC L . 7.98 13.56 -14.95
O1D HEC L . 7.43 13.64 -16.08
O2D HEC L . 7.89 12.55 -14.21
#